data_5ONW
#
_entry.id   5ONW
#
_cell.length_a   106.560
_cell.length_b   183.830
_cell.length_c   109.490
_cell.angle_alpha   90.00
_cell.angle_beta   90.00
_cell.angle_gamma   90.00
#
_symmetry.space_group_name_H-M   'P 21 21 21'
#
loop_
_entity.id
_entity.type
_entity.pdbx_description
1 polymer 'DNA (147-MER)'
2 polymer 'DNA (147-MER)'
3 polymer 'Histone H3.2'
4 polymer 'Histone H4'
5 polymer 'Histone H2A'
6 polymer 'Histone H2B 1.1'
7 non-polymer 'MANGANESE (II) ION'
8 non-polymer 'CHLORIDE ION'
9 water water
#
loop_
_entity_poly.entity_id
_entity_poly.type
_entity_poly.pdbx_seq_one_letter_code
_entity_poly.pdbx_strand_id
1 'polydeoxyribonucleotide'
;(DA)(DT)(DC)(DC)(DA)(DT)(DA)(DT)(DC)(DC)(DA)(DC)(DC)(DT)(DG)(DG)(DT)(DC)(DC)(DT)
(DA)(DC)(DT)(DA)(DC)(DC)(DA)(DA)(DA)(DA)(DG)(DT)(DG)(DT)(DA)(DT)(DT)(DT)(DG)(DG)
(DA)(DA)(DA)(DC)(DT)(DG)(DC)(DT)(DC)(DC)(DA)(DT)(DC)(DA)(DA)(DA)(DA)(DG)(DG)(DC)
(DA)(DT)(DG)(DT)(DT)(DC)(DA)(DG)(DC)(DT)(DG)(DG)(DA)(DA)(DT)(DC)(DC)(DA)(DG)(DC)
(DT)(DG)(DA)(DA)(DC)(DA)(DT)(DG)(DC)(DC)(DT)(DT)(DT)(DT)(DG)(DA)(DT)(DG)(DG)(DA)
(DG)(DC)(DA)(DG)(DT)(DT)(DT)(DC)(DC)(DA)(DA)(DA)(DT)(DA)(DC)(DA)(DC)(DT)(DT)(DT)
(DT)(DG)(DG)(DT)(DA)(DG)(DT)(DA)(DG)(DG)(DA)(DC)(DC)(DA)(DG)(DG)(DT)(DG)(DG)(DA)
(DT)(DA)(DT)(G47)(DG)(DA)(DT)
;
I
2 'polydeoxyribonucleotide'
;(DA)(DT)(DC)(DC)(DA)(DT)(DA)(DT)(DC)(DC)(DA)(DC)(DC)(DT)(DG)(DG)(DT)(DC)(DC)(DT)
(DA)(DC)(DT)(DA)(DC)(DC)(DA)(DA)(DA)(DA)(DG)(DT)(DG)(DT)(DA)(DT)(DT)(DT)(DG)(DG)
(DA)(DA)(DA)(DC)(DT)(DG)(DC)(DT)(DC)(DC)(DA)(DT)(DC)(DA)(DA)(DA)(DA)(DG)(DG)(DC)
(DA)(DT)(DG)(DT)(DT)(DC)(DA)(DG)(DC)(DT)(DG)(DG)(DA)(DT)(DT)(DC)(DC)(DA)(DG)(DC)
(DT)(DG)(DA)(DA)(DC)(DA)(DT)(DG)(DC)(DC)(DT)(DT)(DT)(DT)(DG)(DA)(DT)(DG)(DG)(DA)
(DG)(DC)(DA)(DG)(DT)(DT)(DT)(DC)(DC)(DA)(DA)(DA)(DT)(DA)(DC)(DA)(DC)(DT)(DT)(DT)
(DT)(DG)(DG)(DT)(DA)(DG)(DT)(DA)(DG)(DG)(DA)(DC)(DC)(DA)(DG)(DG)(DT)(DG)(DG)(DA)
(DT)(DA)(DT)(G47)(DG)(DA)(DT)
;
J
3 'polypeptide(L)'
;ARTKQTARKSTGGKAPRKQLATKAARKSAPATGGVKKPHCYRPGTVALREIRRYQKSTELLIRKLPFQRLVREIAQDFKT
DLRFQSSAVMALQEASEAYLVALFEDTNLAAIHAKRVTIMPKDIQLARRIRGERA
;
A,E
4 'polypeptide(L)'
;MSGRGKGGKGLGKGGAKRHRKVLRDNIQGITKPAIRRLARRGGVKRISGLIYEETRGVLKVFLENVIRDAVTYTEHAKRK
TVTAMDVVYALKRQGRTLYGFGG
;
B,F
5 'polypeptide(L)'
;SGRGKQGGKTRAKAKTRSSRAGLQFPVGRVHRLLRKGCYAERVGAGAPVYLAAVLEYLTAEILELAGNAARDNKKTRIIP
RHLQLAVRNDEELNKLLGRVTIAQGGVLPNIQSVLLPKKTESSKSAKSK
;
C,G
6 'polypeptide(L)'
;AKSAPAPKKGSKKAVTKTQKKDGKKRRKTRKESYAIYVYKVLKQVHPDTGISSKAMSIMNSFVNDVFERIAGEASRLAHY
NKRSTITSREIQTAVRLLLPGELAKHAVSEGTKAVTKYTSAK
;
D,H
#
loop_
_chem_comp.id
_chem_comp.type
_chem_comp.name
_chem_comp.formula
CL non-polymer 'CHLORIDE ION' 'Cl -1'
DA DNA linking 2'-DEOXYADENOSINE-5'-MONOPHOSPHATE 'C10 H14 N5 O6 P'
DC DNA linking 2'-DEOXYCYTIDINE-5'-MONOPHOSPHATE 'C9 H14 N3 O7 P'
DG DNA linking 2'-DEOXYGUANOSINE-5'-MONOPHOSPHATE 'C10 H14 N5 O7 P'
DT DNA linking THYMIDINE-5'-MONOPHOSPHATE 'C10 H15 N2 O8 P'
G47 DNA linking N2-ETHANETHIOL-2'-DEOXY-GUANOSINE-5'-MONOPHOSPHATE 'C12 H18 N5 O7 P S'
MN non-polymer 'MANGANESE (II) ION' 'Mn 2'
#
# COMPACT_ATOMS: atom_id res chain seq x y z
P G47 A 144 -16.17 -40.45 6.50
O1P G47 A 144 -15.86 -39.10 5.96
O2P G47 A 144 -16.67 -41.51 5.57
O5' G47 A 144 -14.88 -40.99 7.26
C5' G47 A 144 -14.65 -40.60 8.61
C4' G47 A 144 -13.93 -41.69 9.36
O4' G47 A 144 -14.88 -42.65 9.91
C3' G47 A 144 -12.94 -42.52 8.52
O3' G47 A 144 -11.77 -42.70 9.31
C2' G47 A 144 -13.68 -43.82 8.28
C1' G47 A 144 -14.49 -43.96 9.56
N9 G47 A 144 -15.69 -44.75 9.45
C8 G47 A 144 -16.59 -44.76 8.42
N7 G47 A 144 -17.60 -45.57 8.63
C5 G47 A 144 -17.34 -46.13 9.88
C6 G47 A 144 -18.09 -47.10 10.66
O6 G47 A 144 -19.16 -47.67 10.38
N1 G47 A 144 -17.46 -47.38 11.87
C2 G47 A 144 -16.28 -46.81 12.28
N2 G47 A 144 -15.85 -47.23 13.48
N3 G47 A 144 -15.58 -45.93 11.58
C4 G47 A 144 -16.16 -45.64 10.40
C6A G47 A 144 -15.34 -46.38 14.45
C7A G47 A 144 -13.90 -46.25 14.38
SG G47 A 144 -12.98 -47.46 14.98
P G47 B 144 36.20 -20.75 -13.99
O1P G47 B 144 36.82 -21.61 -12.95
O2P G47 B 144 35.54 -19.48 -13.60
O5' G47 B 144 35.18 -21.57 -14.88
C5' G47 B 144 34.70 -21.00 -16.11
C4' G47 B 144 34.56 -22.05 -17.18
O4' G47 B 144 35.77 -22.18 -17.97
C3' G47 B 144 34.24 -23.46 -16.67
O3' G47 B 144 33.45 -24.09 -17.70
C2' G47 B 144 35.62 -24.10 -16.63
C1' G47 B 144 36.30 -23.49 -17.85
N9 G47 B 144 37.73 -23.35 -17.76
C8 G47 B 144 38.46 -22.94 -16.68
N7 G47 B 144 39.73 -22.81 -16.93
C5 G47 B 144 39.87 -23.18 -18.25
C6 G47 B 144 41.03 -23.27 -19.10
O6 G47 B 144 42.19 -23.01 -18.80
N1 G47 B 144 40.70 -23.66 -20.39
C2 G47 B 144 39.43 -23.97 -20.82
N2 G47 B 144 39.30 -24.34 -22.10
N3 G47 B 144 38.35 -23.90 -20.05
C4 G47 B 144 38.64 -23.56 -18.79
C6A G47 B 144 38.22 -23.98 -22.88
C7A G47 B 144 37.25 -25.03 -22.97
SG G47 B 144 36.94 -25.73 -24.39
N HIS C 39 -7.66 -44.74 19.45
CA HIS C 39 -7.60 -45.21 18.06
C HIS C 39 -8.91 -44.93 17.33
N CYS C 40 -9.16 -45.70 16.28
CA CYS C 40 -10.38 -45.54 15.49
C CYS C 40 -10.15 -44.60 14.31
N TYR C 41 -9.11 -43.76 14.36
CA TYR C 41 -8.84 -42.79 13.31
C TYR C 41 -7.37 -42.82 12.90
N ARG C 42 -7.13 -42.72 11.61
CA ARG C 42 -5.78 -42.69 11.06
C ARG C 42 -5.18 -41.30 11.22
N PRO C 43 -3.85 -41.21 11.32
CA PRO C 43 -3.19 -39.89 11.48
C PRO C 43 -3.63 -38.85 10.45
N GLY C 44 -4.25 -37.78 10.91
CA GLY C 44 -4.53 -36.63 10.06
C GLY C 44 -5.95 -36.42 9.62
N THR C 45 -6.92 -37.18 10.16
CA THR C 45 -8.33 -36.92 9.88
C THR C 45 -9.01 -36.11 10.97
N VAL C 46 -8.65 -36.34 12.24
CA VAL C 46 -9.02 -35.41 13.30
C VAL C 46 -8.47 -34.02 12.99
N ALA C 47 -7.34 -33.96 12.28
CA ALA C 47 -6.77 -32.68 11.87
C ALA C 47 -7.75 -31.92 10.98
N LEU C 48 -8.21 -32.55 9.90
CA LEU C 48 -9.22 -31.91 9.04
C LEU C 48 -10.49 -31.60 9.81
N ARG C 49 -10.87 -32.46 10.75
CA ARG C 49 -11.99 -32.15 11.63
C ARG C 49 -11.77 -30.82 12.34
N GLU C 50 -10.54 -30.56 12.79
CA GLU C 50 -10.24 -29.29 13.44
C GLU C 50 -10.22 -28.13 12.43
N ILE C 51 -9.73 -28.39 11.22
CA ILE C 51 -9.77 -27.38 10.17
C ILE C 51 -11.20 -26.89 9.97
N ARG C 52 -12.15 -27.82 9.86
CA ARG C 52 -13.54 -27.43 9.68
C ARG C 52 -14.09 -26.75 10.94
N ARG C 53 -13.75 -27.29 12.12
CA ARG C 53 -14.22 -26.70 13.37
C ARG C 53 -13.86 -25.22 13.47
N TYR C 54 -12.59 -24.89 13.24
CA TYR C 54 -12.15 -23.52 13.43
C TYR C 54 -12.35 -22.63 12.22
N GLN C 55 -12.52 -23.21 11.02
CA GLN C 55 -12.91 -22.39 9.88
C GLN C 55 -14.38 -22.01 9.96
N LYS C 56 -15.21 -22.82 10.63
CA LYS C 56 -16.61 -22.43 10.82
C LYS C 56 -16.76 -21.27 11.78
N SER C 57 -15.88 -21.14 12.76
CA SER C 57 -16.10 -20.24 13.88
C SER C 57 -15.28 -18.95 13.75
N THR C 58 -15.55 -18.01 14.66
CA THR C 58 -14.90 -16.71 14.68
C THR C 58 -14.17 -16.37 15.97
N GLU C 59 -14.30 -17.19 17.01
CA GLU C 59 -13.71 -16.84 18.30
C GLU C 59 -12.19 -16.75 18.20
N LEU C 60 -11.62 -15.95 19.09
CA LEU C 60 -10.17 -15.85 19.17
C LEU C 60 -9.58 -17.15 19.71
N LEU C 61 -8.37 -17.47 19.26
CA LEU C 61 -7.80 -18.78 19.50
C LEU C 61 -6.62 -18.78 20.47
N ILE C 62 -6.04 -17.62 20.73
CA ILE C 62 -5.06 -17.46 21.81
C ILE C 62 -5.81 -17.01 23.05
N ARG C 63 -5.44 -17.58 24.20
CA ARG C 63 -6.03 -17.15 25.45
C ARG C 63 -5.83 -15.64 25.63
N LYS C 64 -6.82 -14.98 26.23
CA LYS C 64 -6.79 -13.52 26.23
C LYS C 64 -5.80 -12.96 27.22
N LEU C 65 -5.68 -13.54 28.42
CA LEU C 65 -4.74 -12.96 29.38
C LEU C 65 -3.28 -13.16 29.02
N PRO C 66 -2.83 -14.36 28.60
CA PRO C 66 -1.42 -14.46 28.19
C PRO C 66 -1.07 -13.50 27.06
N PHE C 67 -2.00 -13.25 26.13
CA PHE C 67 -1.78 -12.26 25.10
C PHE C 67 -1.68 -10.86 25.71
N GLN C 68 -2.59 -10.54 26.63
CA GLN C 68 -2.55 -9.22 27.27
C GLN C 68 -1.25 -9.01 28.01
N ARG C 69 -0.77 -10.04 28.71
CA ARG C 69 0.56 -9.97 29.32
C ARG C 69 1.63 -9.71 28.27
N LEU C 70 1.53 -10.40 27.12
CA LEU C 70 2.53 -10.21 26.08
C LEU C 70 2.57 -8.77 25.59
N VAL C 71 1.40 -8.18 25.30
CA VAL C 71 1.39 -6.81 24.81
C VAL C 71 1.83 -5.83 25.90
N ARG C 72 1.52 -6.13 27.18
CA ARG C 72 2.01 -5.27 28.25
C ARG C 72 3.52 -5.31 28.34
N GLU C 73 4.11 -6.50 28.22
CA GLU C 73 5.56 -6.61 28.22
C GLU C 73 6.18 -5.85 27.07
N ILE C 74 5.71 -6.12 25.85
CA ILE C 74 6.27 -5.49 24.65
C ILE C 74 6.12 -3.98 24.72
N ALA C 75 5.01 -3.49 25.27
CA ALA C 75 4.81 -2.05 25.35
C ALA C 75 5.64 -1.42 26.45
N GLN C 76 5.93 -2.18 27.52
CA GLN C 76 6.74 -1.67 28.62
C GLN C 76 8.14 -1.27 28.17
N ASP C 77 8.56 -1.65 26.96
CA ASP C 77 9.88 -1.34 26.45
C ASP C 77 9.89 -0.14 25.50
N PHE C 78 8.77 0.54 25.33
CA PHE C 78 8.71 1.79 24.57
C PHE C 78 8.42 2.99 25.44
N LYS C 79 7.48 2.85 26.38
CA LYS C 79 7.21 3.83 27.41
C LYS C 79 6.72 3.09 28.65
N THR C 80 7.22 3.51 29.82
CA THR C 80 6.89 2.85 31.07
C THR C 80 5.59 3.39 31.65
N ASP C 81 5.06 2.67 32.64
CA ASP C 81 3.84 3.04 33.35
C ASP C 81 2.72 3.37 32.37
N LEU C 82 2.38 2.37 31.56
CA LEU C 82 1.36 2.51 30.52
C LEU C 82 0.13 1.67 30.87
N ARG C 83 -1.03 2.15 30.43
CA ARG C 83 -2.28 1.47 30.63
C ARG C 83 -2.93 1.23 29.27
N PHE C 84 -3.79 0.22 29.22
CA PHE C 84 -4.46 -0.18 28.00
C PHE C 84 -5.97 -0.21 28.22
N GLN C 85 -6.70 0.43 27.32
CA GLN C 85 -8.14 0.16 27.23
C GLN C 85 -8.33 -1.30 26.85
N SER C 86 -9.34 -1.94 27.46
CA SER C 86 -9.63 -3.34 27.14
C SER C 86 -9.80 -3.52 25.63
N SER C 87 -10.52 -2.61 24.99
CA SER C 87 -10.74 -2.71 23.55
C SER C 87 -9.45 -2.55 22.75
N ALA C 88 -8.42 -1.92 23.33
CA ALA C 88 -7.14 -1.82 22.65
C ALA C 88 -6.45 -3.19 22.59
N VAL C 89 -6.41 -3.89 23.73
CA VAL C 89 -5.84 -5.23 23.75
C VAL C 89 -6.66 -6.16 22.85
N MET C 90 -7.99 -6.04 22.91
CA MET C 90 -8.84 -6.85 22.04
C MET C 90 -8.53 -6.59 20.57
N ALA C 91 -8.38 -5.32 20.20
CA ALA C 91 -8.06 -4.98 18.81
C ALA C 91 -6.72 -5.57 18.40
N LEU C 92 -5.71 -5.46 19.27
CA LEU C 92 -4.41 -6.07 18.98
C LEU C 92 -4.55 -7.57 18.77
N GLN C 93 -5.41 -8.23 19.55
CA GLN C 93 -5.54 -9.67 19.40
C GLN C 93 -6.24 -10.03 18.09
N GLU C 94 -7.28 -9.27 17.73
CA GLU C 94 -7.94 -9.50 16.45
C GLU C 94 -6.96 -9.35 15.29
N ALA C 95 -6.20 -8.25 15.30
CA ALA C 95 -5.24 -8.01 14.22
C ALA C 95 -4.15 -9.08 14.20
N SER C 96 -3.66 -9.49 15.38
CA SER C 96 -2.60 -10.49 15.44
C SER C 96 -3.06 -11.84 14.92
N GLU C 97 -4.25 -12.27 15.34
CA GLU C 97 -4.75 -13.57 14.90
C GLU C 97 -5.14 -13.55 13.43
N ALA C 98 -5.67 -12.43 12.94
CA ALA C 98 -5.94 -12.33 11.51
C ALA C 98 -4.65 -12.45 10.70
N TYR C 99 -3.64 -11.65 11.07
CA TYR C 99 -2.35 -11.70 10.39
C TYR C 99 -1.77 -13.10 10.41
N LEU C 100 -1.85 -13.77 11.56
CA LEU C 100 -1.24 -15.09 11.69
C LEU C 100 -2.00 -16.12 10.87
N VAL C 101 -3.32 -16.00 10.81
CA VAL C 101 -4.11 -16.95 10.02
C VAL C 101 -3.81 -16.80 8.54
N ALA C 102 -3.78 -15.57 8.04
CA ALA C 102 -3.42 -15.36 6.64
C ALA C 102 -2.01 -15.87 6.35
N LEU C 103 -1.07 -15.59 7.26
CA LEU C 103 0.30 -16.08 7.11
C LEU C 103 0.35 -17.60 7.08
N PHE C 104 -0.53 -18.26 7.82
CA PHE C 104 -0.56 -19.72 7.79
C PHE C 104 -1.20 -20.23 6.50
N GLU C 105 -2.10 -19.45 5.89
CA GLU C 105 -2.59 -19.79 4.57
C GLU C 105 -1.46 -19.78 3.55
N ASP C 106 -0.73 -18.67 3.47
CA ASP C 106 0.38 -18.59 2.51
C ASP C 106 1.46 -19.61 2.83
N THR C 107 1.71 -19.87 4.11
CA THR C 107 2.68 -20.88 4.51
C THR C 107 2.28 -22.25 4.01
N ASN C 108 1.01 -22.62 4.23
CA ASN C 108 0.48 -23.87 3.71
C ASN C 108 0.64 -23.96 2.21
N LEU C 109 0.39 -22.85 1.51
CA LEU C 109 0.61 -22.82 0.07
C LEU C 109 2.06 -23.14 -0.25
N ALA C 110 3.00 -22.56 0.51
CA ALA C 110 4.42 -22.80 0.27
C ALA C 110 4.77 -24.28 0.47
N ALA C 111 4.25 -24.90 1.53
CA ALA C 111 4.52 -26.32 1.76
C ALA C 111 3.98 -27.17 0.62
N ILE C 112 2.71 -26.94 0.24
CA ILE C 112 2.11 -27.70 -0.85
C ILE C 112 2.90 -27.53 -2.13
N HIS C 113 3.50 -26.34 -2.31
CA HIS C 113 4.29 -26.09 -3.52
C HIS C 113 5.53 -26.97 -3.57
N ALA C 114 6.11 -27.30 -2.42
CA ALA C 114 7.20 -28.25 -2.33
C ALA C 114 6.70 -29.68 -2.20
N LYS C 115 5.43 -29.91 -2.52
CA LYS C 115 4.84 -31.24 -2.50
C LYS C 115 5.01 -31.90 -1.14
N ARG C 116 4.80 -31.12 -0.09
CA ARG C 116 4.67 -31.61 1.28
C ARG C 116 3.34 -31.14 1.84
N VAL C 117 2.94 -31.78 2.95
CA VAL C 117 1.71 -31.42 3.64
C VAL C 117 1.98 -30.91 5.05
N THR C 118 3.25 -30.80 5.47
CA THR C 118 3.59 -30.28 6.78
C THR C 118 4.33 -28.95 6.62
N ILE C 119 3.73 -27.87 7.15
CA ILE C 119 4.39 -26.57 7.10
C ILE C 119 5.68 -26.63 7.90
N MET C 120 6.71 -25.96 7.38
CA MET C 120 8.01 -25.91 8.02
C MET C 120 8.47 -24.46 8.02
N PRO C 121 9.37 -24.08 8.95
CA PRO C 121 9.81 -22.68 9.00
C PRO C 121 10.33 -22.13 7.68
N LYS C 122 10.88 -22.97 6.81
CA LYS C 122 11.27 -22.49 5.49
C LYS C 122 10.06 -22.00 4.70
N ASP C 123 8.88 -22.57 4.95
CA ASP C 123 7.65 -22.10 4.30
C ASP C 123 7.24 -20.73 4.83
N ILE C 124 7.27 -20.55 6.16
CA ILE C 124 6.94 -19.26 6.74
C ILE C 124 7.89 -18.18 6.22
N GLN C 125 9.17 -18.52 6.11
CA GLN C 125 10.17 -17.53 5.70
C GLN C 125 10.05 -17.21 4.22
N LEU C 126 9.81 -18.21 3.38
CA LEU C 126 9.55 -17.94 1.97
C LEU C 126 8.32 -17.06 1.80
N ALA C 127 7.26 -17.38 2.53
CA ALA C 127 6.07 -16.53 2.50
C ALA C 127 6.42 -15.10 2.85
N ARG C 128 6.87 -14.87 4.09
CA ARG C 128 7.18 -13.51 4.54
C ARG C 128 8.18 -12.80 3.63
N ARG C 129 9.01 -13.56 2.91
CA ARG C 129 9.93 -12.94 1.96
C ARG C 129 9.18 -12.45 0.72
N ILE C 130 8.29 -13.28 0.19
CA ILE C 130 7.56 -12.86 -1.01
C ILE C 130 6.56 -11.75 -0.68
N ARG C 131 5.95 -11.80 0.50
CA ARG C 131 5.03 -10.74 0.91
C ARG C 131 5.72 -9.40 1.09
N GLY C 132 7.05 -9.38 1.09
CA GLY C 132 7.80 -8.17 1.32
C GLY C 132 8.07 -7.85 2.77
N GLU C 133 7.67 -8.72 3.70
CA GLU C 133 7.96 -8.50 5.11
C GLU C 133 9.43 -8.67 5.44
N ARG C 134 10.21 -9.23 4.52
CA ARG C 134 11.66 -9.19 4.58
C ARG C 134 12.27 -8.31 3.50
N ASN D 26 6.95 -13.04 28.20
CA ASN D 26 5.66 -13.73 28.20
C ASN D 26 5.31 -14.30 26.81
N ILE D 27 6.27 -14.24 25.88
CA ILE D 27 6.09 -14.78 24.54
C ILE D 27 5.77 -16.28 24.58
N GLN D 28 6.23 -16.97 25.63
CA GLN D 28 5.94 -18.38 25.81
C GLN D 28 4.47 -18.59 26.17
N GLY D 29 3.75 -17.48 26.36
CA GLY D 29 2.33 -17.58 26.70
C GLY D 29 1.52 -18.31 25.63
N ILE D 30 1.90 -18.16 24.36
CA ILE D 30 1.12 -18.82 23.31
C ILE D 30 1.33 -20.32 23.41
N THR D 31 0.38 -21.01 24.03
CA THR D 31 0.47 -22.44 24.22
C THR D 31 0.30 -23.16 22.90
N LYS D 32 1.25 -24.06 22.55
CA LYS D 32 1.32 -24.77 21.27
C LYS D 32 -0.05 -25.15 20.69
N PRO D 33 -1.02 -25.61 21.51
CA PRO D 33 -2.38 -25.73 20.96
C PRO D 33 -2.95 -24.46 20.36
N ALA D 34 -2.57 -23.28 20.84
CA ALA D 34 -3.12 -22.04 20.29
C ALA D 34 -2.60 -21.78 18.89
N ILE D 35 -1.28 -21.92 18.73
CA ILE D 35 -0.68 -21.89 17.40
C ILE D 35 -1.39 -22.86 16.49
N ARG D 36 -1.51 -24.11 16.95
CA ARG D 36 -2.14 -25.14 16.14
C ARG D 36 -3.56 -24.75 15.72
N ARG D 37 -4.33 -24.13 16.62
CA ARG D 37 -5.67 -23.69 16.24
C ARG D 37 -5.62 -22.61 15.17
N LEU D 38 -4.75 -21.61 15.37
CA LEU D 38 -4.57 -20.57 14.37
C LEU D 38 -4.21 -21.18 13.01
N ALA D 39 -3.35 -22.19 13.02
CA ALA D 39 -2.93 -22.84 11.79
C ALA D 39 -4.08 -23.65 11.17
N ARG D 40 -4.92 -24.25 12.01
CA ARG D 40 -6.09 -24.96 11.50
C ARG D 40 -7.04 -24.01 10.81
N ARG D 41 -7.31 -22.85 11.43
CA ARG D 41 -8.09 -21.82 10.75
C ARG D 41 -7.42 -21.36 9.46
N GLY D 42 -6.09 -21.42 9.41
CA GLY D 42 -5.40 -21.13 8.17
C GLY D 42 -5.56 -22.21 7.13
N GLY D 43 -5.83 -23.44 7.56
CA GLY D 43 -6.09 -24.54 6.65
C GLY D 43 -4.93 -25.50 6.51
N VAL D 44 -4.14 -25.69 7.56
CA VAL D 44 -3.01 -26.60 7.52
C VAL D 44 -3.41 -27.91 8.17
N LYS D 45 -2.74 -28.99 7.77
CA LYS D 45 -3.04 -30.31 8.29
C LYS D 45 -1.94 -30.86 9.20
N ARG D 46 -0.68 -30.69 8.82
CA ARG D 46 0.44 -31.17 9.63
C ARG D 46 1.38 -30.02 9.92
N ILE D 47 1.93 -30.00 11.13
CA ILE D 47 2.72 -28.88 11.64
C ILE D 47 4.05 -29.40 12.17
N SER D 48 5.15 -28.85 11.66
CA SER D 48 6.48 -29.28 12.07
C SER D 48 6.76 -28.85 13.52
N GLY D 49 7.69 -29.57 14.16
CA GLY D 49 8.03 -29.29 15.53
C GLY D 49 8.75 -27.98 15.73
N LEU D 50 9.31 -27.41 14.65
CA LEU D 50 10.00 -26.12 14.70
C LEU D 50 9.15 -25.00 14.15
N ILE D 51 7.83 -25.23 14.01
CA ILE D 51 6.92 -24.16 13.62
C ILE D 51 6.59 -23.23 14.79
N TYR D 52 6.61 -23.75 16.03
CA TYR D 52 6.00 -23.01 17.13
C TYR D 52 6.85 -21.83 17.57
N GLU D 53 8.16 -22.02 17.68
CA GLU D 53 9.04 -20.91 18.02
C GLU D 53 9.15 -19.91 16.89
N GLU D 54 9.06 -20.38 15.64
CA GLU D 54 9.06 -19.49 14.49
C GLU D 54 7.85 -18.54 14.54
N THR D 55 6.67 -19.13 14.73
CA THR D 55 5.45 -18.36 14.92
C THR D 55 5.58 -17.38 16.07
N ARG D 56 6.19 -17.84 17.17
CA ARG D 56 6.48 -16.94 18.29
C ARG D 56 7.29 -15.73 17.83
N GLY D 57 8.35 -15.93 17.05
CA GLY D 57 9.14 -14.80 16.60
C GLY D 57 8.34 -13.87 15.70
N VAL D 58 7.63 -14.43 14.73
CA VAL D 58 6.87 -13.61 13.79
C VAL D 58 5.82 -12.77 14.54
N LEU D 59 5.07 -13.42 15.44
CA LEU D 59 4.11 -12.67 16.25
C LEU D 59 4.81 -11.59 17.05
N LYS D 60 6.05 -11.85 17.48
CA LYS D 60 6.76 -10.86 18.28
C LYS D 60 7.08 -9.62 17.47
N VAL D 61 7.63 -9.78 16.26
CA VAL D 61 7.98 -8.60 15.46
C VAL D 61 6.72 -7.87 15.00
N PHE D 62 5.64 -8.61 14.73
CA PHE D 62 4.37 -7.97 14.40
C PHE D 62 3.92 -7.05 15.53
N LEU D 63 3.76 -7.63 16.72
CA LEU D 63 3.29 -6.87 17.88
C LEU D 63 4.24 -5.73 18.22
N GLU D 64 5.54 -5.92 17.99
CA GLU D 64 6.51 -4.86 18.26
C GLU D 64 6.25 -3.66 17.35
N ASN D 65 6.12 -3.91 16.05
CA ASN D 65 5.89 -2.80 15.11
C ASN D 65 4.58 -2.07 15.42
N VAL D 66 3.46 -2.82 15.47
CA VAL D 66 2.17 -2.16 15.63
C VAL D 66 2.09 -1.45 16.98
N ILE D 67 2.57 -2.11 18.04
CA ILE D 67 2.49 -1.53 19.37
C ILE D 67 3.37 -0.29 19.47
N ARG D 68 4.55 -0.33 18.84
CA ARG D 68 5.41 0.85 18.82
C ARG D 68 4.68 2.04 18.21
N ASP D 69 4.12 1.86 17.00
CA ASP D 69 3.36 2.95 16.39
C ASP D 69 2.22 3.41 17.30
N ALA D 70 1.50 2.45 17.90
CA ALA D 70 0.39 2.79 18.78
C ALA D 70 0.84 3.71 19.90
N VAL D 71 1.85 3.30 20.68
CA VAL D 71 2.28 4.13 21.80
C VAL D 71 2.99 5.40 21.35
N THR D 72 3.40 5.47 20.08
CA THR D 72 3.82 6.77 19.55
C THR D 72 2.61 7.70 19.42
N TYR D 73 1.51 7.19 18.88
CA TYR D 73 0.27 7.99 18.87
C TYR D 73 -0.15 8.34 20.28
N THR D 74 0.05 7.42 21.23
CA THR D 74 -0.29 7.70 22.62
C THR D 74 0.56 8.83 23.18
N GLU D 75 1.86 8.83 22.87
CA GLU D 75 2.74 9.89 23.36
C GLU D 75 2.37 11.24 22.75
N HIS D 76 2.06 11.26 21.45
CA HIS D 76 1.71 12.55 20.85
C HIS D 76 0.47 13.15 21.48
N ALA D 77 -0.46 12.32 21.94
CA ALA D 77 -1.65 12.83 22.62
C ALA D 77 -1.40 13.19 24.07
N LYS D 78 -0.16 13.04 24.55
CA LYS D 78 0.22 13.38 25.92
C LYS D 78 -0.64 12.61 26.93
N ARG D 79 -0.90 11.35 26.63
CA ARG D 79 -1.68 10.48 27.50
C ARG D 79 -0.80 9.36 28.04
N LYS D 80 -1.38 8.58 28.96
CA LYS D 80 -0.71 7.42 29.51
C LYS D 80 -1.50 6.14 29.29
N THR D 81 -2.67 6.22 28.66
CA THR D 81 -3.49 5.06 28.33
C THR D 81 -3.48 4.85 26.83
N VAL D 82 -3.14 3.65 26.39
CA VAL D 82 -3.25 3.29 24.98
C VAL D 82 -4.71 3.03 24.67
N THR D 83 -5.28 3.87 23.80
CA THR D 83 -6.68 3.71 23.41
C THR D 83 -6.81 2.69 22.29
N ALA D 84 -8.05 2.25 22.06
CA ALA D 84 -8.33 1.44 20.88
C ALA D 84 -8.03 2.22 19.61
N MET D 85 -8.30 3.53 19.63
CA MET D 85 -8.08 4.35 18.44
C MET D 85 -6.60 4.41 18.06
N ASP D 86 -5.71 4.43 19.06
CA ASP D 86 -4.28 4.39 18.77
C ASP D 86 -3.90 3.12 18.02
N VAL D 87 -4.42 1.97 18.47
CA VAL D 87 -4.18 0.71 17.76
C VAL D 87 -4.78 0.76 16.36
N VAL D 88 -5.94 1.40 16.21
CA VAL D 88 -6.58 1.45 14.89
C VAL D 88 -5.73 2.28 13.93
N TYR D 89 -5.21 3.41 14.41
CA TYR D 89 -4.37 4.26 13.57
C TYR D 89 -3.05 3.59 13.23
N ALA D 90 -2.41 2.99 14.24
CA ALA D 90 -1.17 2.24 14.02
C ALA D 90 -1.37 1.16 12.97
N LEU D 91 -2.41 0.35 13.13
CA LEU D 91 -2.69 -0.69 12.16
C LEU D 91 -2.97 -0.09 10.78
N LYS D 92 -3.69 1.02 10.73
CA LYS D 92 -4.04 1.62 9.43
C LYS D 92 -2.79 2.06 8.68
N ARG D 93 -1.83 2.64 9.39
CA ARG D 93 -0.60 3.05 8.72
C ARG D 93 0.34 1.88 8.44
N GLN D 94 0.14 0.73 9.11
CA GLN D 94 0.86 -0.48 8.76
C GLN D 94 0.34 -1.10 7.47
N GLY D 95 -0.79 -0.62 6.95
CA GLY D 95 -1.44 -1.30 5.85
C GLY D 95 -2.29 -2.48 6.27
N ARG D 96 -2.72 -2.52 7.53
CA ARG D 96 -3.58 -3.58 8.05
C ARG D 96 -4.79 -2.96 8.73
N THR D 97 -5.61 -2.27 7.93
CA THR D 97 -6.79 -1.59 8.43
C THR D 97 -7.72 -2.57 9.16
N LEU D 98 -8.29 -2.11 10.26
CA LEU D 98 -9.12 -2.96 11.12
C LEU D 98 -10.46 -2.29 11.36
N TYR D 99 -11.53 -2.97 10.94
CA TYR D 99 -12.88 -2.58 11.31
C TYR D 99 -13.27 -3.29 12.60
N GLY D 100 -14.07 -2.61 13.41
CA GLY D 100 -14.65 -3.21 14.60
C GLY D 100 -14.31 -2.49 15.90
N PHE D 101 -13.56 -1.39 15.85
CA PHE D 101 -13.15 -0.72 17.08
C PHE D 101 -13.14 0.79 16.93
N GLY D 102 -13.76 1.34 15.91
CA GLY D 102 -13.74 2.77 15.65
C GLY D 102 -12.91 3.10 14.43
N GLY D 103 -13.05 4.35 14.00
CA GLY D 103 -12.31 4.85 12.85
C GLY D 103 -12.74 4.25 11.52
N LYS E 15 17.72 38.96 4.74
CA LYS E 15 18.02 37.78 5.53
C LYS E 15 16.91 36.74 5.44
N THR E 16 17.27 35.51 5.12
CA THR E 16 16.30 34.43 4.96
C THR E 16 16.23 33.56 6.20
N ARG E 17 15.10 32.87 6.37
CA ARG E 17 14.92 31.99 7.51
C ARG E 17 15.79 30.74 7.42
N SER E 18 16.11 30.31 6.19
CA SER E 18 16.97 29.15 6.01
C SER E 18 18.31 29.34 6.69
N SER E 19 18.99 30.45 6.38
CA SER E 19 20.27 30.73 7.03
C SER E 19 20.09 31.03 8.51
N ARG E 20 18.94 31.62 8.89
CA ARG E 20 18.65 31.80 10.31
C ARG E 20 18.47 30.46 11.01
N ALA E 21 17.86 29.49 10.32
CA ALA E 21 17.77 28.13 10.83
C ALA E 21 19.05 27.35 10.61
N GLY E 22 20.04 27.92 9.94
CA GLY E 22 21.26 27.21 9.62
C GLY E 22 21.07 26.10 8.62
N LEU E 23 20.24 26.32 7.60
CA LEU E 23 19.88 25.30 6.62
C LEU E 23 20.13 25.80 5.21
N GLN E 24 20.39 24.86 4.31
CA GLN E 24 20.46 25.13 2.88
C GLN E 24 19.12 24.97 2.18
N PHE E 25 18.28 24.05 2.68
CA PHE E 25 16.97 23.83 2.10
C PHE E 25 16.04 25.00 2.42
N PRO E 26 15.09 25.30 1.53
CA PRO E 26 14.29 26.52 1.64
C PRO E 26 13.17 26.40 2.65
N VAL E 27 13.27 27.17 3.75
CA VAL E 27 12.23 27.16 4.76
C VAL E 27 10.96 27.83 4.23
N GLY E 28 11.10 28.94 3.51
CA GLY E 28 9.93 29.65 3.00
C GLY E 28 9.11 28.80 2.04
N ARG E 29 9.80 28.20 1.06
CA ARG E 29 9.11 27.35 0.09
C ARG E 29 8.44 26.17 0.77
N VAL E 30 9.08 25.59 1.80
CA VAL E 30 8.47 24.49 2.52
C VAL E 30 7.23 24.96 3.27
N HIS E 31 7.24 26.19 3.76
CA HIS E 31 6.05 26.74 4.43
C HIS E 31 4.90 26.92 3.44
N ARG E 32 5.17 27.59 2.32
CA ARG E 32 4.11 27.82 1.34
C ARG E 32 3.57 26.51 0.80
N LEU E 33 4.47 25.63 0.33
CA LEU E 33 4.06 24.30 -0.11
C LEU E 33 3.30 23.56 0.98
N LEU E 34 3.63 23.84 2.24
CA LEU E 34 2.92 23.17 3.33
C LEU E 34 1.48 23.64 3.41
N ARG E 35 1.23 24.94 3.23
CA ARG E 35 -0.14 25.43 3.28
C ARG E 35 -0.89 25.30 1.95
N LYS E 36 -0.19 24.99 0.87
CA LYS E 36 -0.80 24.84 -0.44
C LYS E 36 -1.35 23.44 -0.66
N GLY E 37 -1.11 22.51 0.27
CA GLY E 37 -1.64 21.17 0.17
C GLY E 37 -2.79 20.89 1.13
N CYS E 38 -3.06 21.83 2.05
CA CYS E 38 -4.16 21.72 3.00
C CYS E 38 -4.00 20.48 3.88
N TYR E 39 -2.99 20.56 4.75
CA TYR E 39 -2.77 19.54 5.75
C TYR E 39 -3.42 19.88 7.08
N ALA E 40 -3.59 21.16 7.37
CA ALA E 40 -4.38 21.62 8.50
C ALA E 40 -4.76 23.06 8.25
N GLU E 41 -5.68 23.57 9.08
CA GLU E 41 -6.11 24.96 8.94
C GLU E 41 -4.93 25.90 9.06
N ARG E 42 -3.98 25.59 9.95
CA ARG E 42 -2.89 26.50 10.28
C ARG E 42 -1.57 25.74 10.33
N VAL E 43 -0.48 26.48 10.15
CA VAL E 43 0.86 25.92 10.12
C VAL E 43 1.77 26.80 10.97
N GLY E 44 2.25 26.25 12.09
CA GLY E 44 3.16 26.99 12.94
C GLY E 44 4.50 27.23 12.28
N ALA E 45 5.22 28.24 12.80
CA ALA E 45 6.46 28.69 12.17
C ALA E 45 7.61 27.69 12.35
N GLY E 46 7.54 26.81 13.35
CA GLY E 46 8.59 25.82 13.52
C GLY E 46 8.48 24.64 12.58
N ALA E 47 7.25 24.31 12.16
CA ALA E 47 7.04 23.17 11.28
C ALA E 47 7.84 23.22 10.00
N PRO E 48 7.86 24.31 9.23
CA PRO E 48 8.64 24.30 7.99
C PRO E 48 10.14 24.24 8.24
N VAL E 49 10.61 24.82 9.34
CA VAL E 49 12.03 24.72 9.70
C VAL E 49 12.40 23.28 9.97
N TYR E 50 11.62 22.60 10.82
CA TYR E 50 11.88 21.20 11.14
C TYR E 50 11.82 20.32 9.89
N LEU E 51 10.75 20.47 9.10
CA LEU E 51 10.59 19.64 7.91
C LEU E 51 11.69 19.89 6.89
N ALA E 52 12.08 21.15 6.70
CA ALA E 52 13.17 21.45 5.77
C ALA E 52 14.48 20.86 6.27
N ALA E 53 14.67 20.84 7.60
CA ALA E 53 15.87 20.25 8.17
C ALA E 53 15.91 18.74 7.94
N VAL E 54 14.76 18.08 8.10
CA VAL E 54 14.70 16.63 7.90
C VAL E 54 14.93 16.29 6.43
N LEU E 55 14.30 17.05 5.53
CA LEU E 55 14.49 16.82 4.11
C LEU E 55 15.95 16.99 3.72
N GLU E 56 16.56 18.10 4.15
CA GLU E 56 17.98 18.33 3.86
C GLU E 56 18.85 17.21 4.40
N TYR E 57 18.55 16.71 5.61
CA TYR E 57 19.32 15.61 6.17
C TYR E 57 19.23 14.37 5.30
N LEU E 58 18.01 13.99 4.89
CA LEU E 58 17.84 12.78 4.11
C LEU E 58 18.54 12.88 2.77
N THR E 59 18.43 14.03 2.11
CA THR E 59 19.14 14.22 0.84
C THR E 59 20.64 14.17 1.05
N ALA E 60 21.12 14.72 2.16
CA ALA E 60 22.54 14.64 2.47
C ALA E 60 22.99 13.20 2.60
N GLU E 61 22.18 12.38 3.30
CA GLU E 61 22.52 10.98 3.50
C GLU E 61 22.59 10.23 2.18
N ILE E 62 21.53 10.31 1.38
CA ILE E 62 21.50 9.58 0.11
C ILE E 62 22.61 10.07 -0.81
N LEU E 63 22.82 11.38 -0.88
CA LEU E 63 23.89 11.92 -1.71
C LEU E 63 25.26 11.44 -1.25
N GLU E 64 25.42 11.24 0.05
CA GLU E 64 26.70 10.76 0.57
C GLU E 64 26.96 9.33 0.15
N LEU E 65 26.03 8.43 0.44
CA LEU E 65 26.21 7.03 0.06
C LEU E 65 26.32 6.89 -1.46
N ALA E 66 25.53 7.65 -2.21
CA ALA E 66 25.58 7.58 -3.67
C ALA E 66 26.90 8.13 -4.20
N GLY E 67 27.45 9.17 -3.57
CA GLY E 67 28.76 9.64 -3.95
C GLY E 67 29.83 8.59 -3.73
N ASN E 68 29.73 7.87 -2.61
CA ASN E 68 30.60 6.72 -2.40
C ASN E 68 30.43 5.71 -3.52
N ALA E 69 29.19 5.49 -3.96
CA ALA E 69 28.93 4.54 -5.03
C ALA E 69 29.63 4.96 -6.32
N ALA E 70 29.48 6.23 -6.71
CA ALA E 70 30.11 6.71 -7.93
C ALA E 70 31.63 6.63 -7.83
N ARG E 71 32.18 6.88 -6.64
CA ARG E 71 33.63 6.76 -6.48
C ARG E 71 34.06 5.30 -6.57
N ASP E 72 33.24 4.38 -6.07
CA ASP E 72 33.57 2.97 -6.11
C ASP E 72 33.75 2.49 -7.55
N ASN E 73 32.80 2.83 -8.41
CA ASN E 73 32.89 2.54 -9.83
C ASN E 73 33.67 3.59 -10.61
N LYS E 74 34.65 4.24 -9.97
CA LYS E 74 35.52 5.27 -10.56
C LYS E 74 34.76 6.23 -11.49
N LYS E 75 33.72 6.85 -10.95
CA LYS E 75 32.96 7.86 -11.68
C LYS E 75 33.21 9.24 -11.11
N THR E 76 32.80 10.26 -11.86
CA THR E 76 32.93 11.64 -11.44
C THR E 76 31.59 12.31 -11.17
N ARG E 77 30.49 11.71 -11.62
CA ARG E 77 29.17 12.26 -11.34
C ARG E 77 28.19 11.13 -11.05
N ILE E 78 27.22 11.42 -10.20
CA ILE E 78 26.23 10.45 -9.78
C ILE E 78 25.19 10.26 -10.88
N ILE E 79 24.99 9.01 -11.28
CA ILE E 79 23.93 8.65 -12.23
C ILE E 79 22.89 7.82 -11.46
N PRO E 80 21.72 7.52 -12.03
CA PRO E 80 20.69 6.84 -11.23
C PRO E 80 21.12 5.50 -10.65
N ARG E 81 22.01 4.77 -11.33
CA ARG E 81 22.49 3.50 -10.79
C ARG E 81 23.16 3.69 -9.43
N HIS E 82 23.95 4.76 -9.29
CA HIS E 82 24.64 4.99 -8.03
C HIS E 82 23.66 5.23 -6.90
N LEU E 83 22.56 5.96 -7.18
CA LEU E 83 21.51 6.11 -6.18
C LEU E 83 20.90 4.75 -5.84
N GLN E 84 20.72 3.91 -6.85
CA GLN E 84 20.13 2.60 -6.62
C GLN E 84 21.00 1.76 -5.68
N LEU E 85 22.29 1.67 -5.97
CA LEU E 85 23.18 0.90 -5.10
C LEU E 85 23.23 1.51 -3.71
N ALA E 86 23.20 2.84 -3.64
CA ALA E 86 23.20 3.54 -2.36
C ALA E 86 22.01 3.13 -1.50
N VAL E 87 20.80 3.20 -2.04
CA VAL E 87 19.65 2.94 -1.18
C VAL E 87 19.44 1.43 -0.99
N ARG E 88 19.74 0.61 -1.99
CA ARG E 88 19.55 -0.83 -1.85
C ARG E 88 20.59 -1.46 -0.93
N ASN E 89 21.76 -0.83 -0.75
CA ASN E 89 22.75 -1.40 0.14
C ASN E 89 22.64 -0.89 1.58
N ASP E 90 21.84 0.13 1.83
CA ASP E 90 21.55 0.59 3.19
C ASP E 90 20.22 0.00 3.63
N GLU E 91 20.25 -0.78 4.72
CA GLU E 91 19.05 -1.39 5.26
C GLU E 91 17.93 -0.36 5.44
N GLU E 92 18.25 0.78 6.02
CA GLU E 92 17.21 1.73 6.42
C GLU E 92 16.66 2.49 5.23
N LEU E 93 17.54 3.01 4.37
CA LEU E 93 17.07 3.65 3.14
C LEU E 93 16.31 2.66 2.26
N ASN E 94 16.78 1.40 2.20
CA ASN E 94 16.07 0.39 1.43
C ASN E 94 14.66 0.17 1.97
N LYS E 95 14.50 0.19 3.28
CA LYS E 95 13.16 0.07 3.83
C LYS E 95 12.32 1.31 3.53
N LEU E 96 12.91 2.50 3.68
CA LEU E 96 12.16 3.73 3.44
C LEU E 96 11.68 3.81 1.99
N LEU E 97 12.51 3.36 1.04
CA LEU E 97 12.16 3.32 -0.37
C LEU E 97 11.82 1.91 -0.83
N GLY E 98 11.15 1.14 0.03
CA GLY E 98 10.90 -0.25 -0.29
C GLY E 98 9.84 -0.43 -1.37
N ARG E 99 8.95 0.54 -1.51
CA ARG E 99 7.90 0.54 -2.52
C ARG E 99 8.21 1.54 -3.64
N VAL E 100 9.47 1.92 -3.81
CA VAL E 100 9.88 2.92 -4.78
C VAL E 100 10.72 2.24 -5.85
N THR E 101 10.58 2.70 -7.09
CA THR E 101 11.36 2.23 -8.23
C THR E 101 12.19 3.37 -8.78
N ILE E 102 13.51 3.18 -8.79
CA ILE E 102 14.44 4.18 -9.31
C ILE E 102 14.67 3.89 -10.78
N ALA E 103 14.25 4.81 -11.65
CA ALA E 103 14.36 4.59 -13.09
C ALA E 103 15.82 4.44 -13.49
N GLN E 104 16.10 3.43 -14.32
CA GLN E 104 17.46 3.13 -14.76
C GLN E 104 18.39 2.84 -13.58
N GLY E 105 17.83 2.30 -12.50
CA GLY E 105 18.66 1.96 -11.36
C GLY E 105 19.23 0.56 -11.42
N GLY E 106 18.54 -0.36 -12.08
CA GLY E 106 18.97 -1.74 -12.10
C GLY E 106 18.72 -2.42 -10.77
N VAL E 107 19.31 -3.61 -10.65
CA VAL E 107 19.21 -4.40 -9.43
C VAL E 107 20.60 -4.64 -8.87
N LEU E 108 20.66 -5.11 -7.64
CA LEU E 108 21.93 -5.49 -7.04
C LEU E 108 22.38 -6.84 -7.59
N PRO E 109 23.69 -7.03 -7.77
CA PRO E 109 24.19 -8.37 -8.07
C PRO E 109 23.81 -9.34 -6.97
N ASN E 110 23.14 -10.42 -7.35
CA ASN E 110 22.68 -11.41 -6.39
C ASN E 110 22.29 -12.70 -7.09
N ILE E 111 23.17 -13.70 -7.04
CA ILE E 111 22.89 -15.03 -7.54
C ILE E 111 22.67 -15.94 -6.33
N GLN E 112 21.49 -16.55 -6.25
CA GLN E 112 21.22 -17.51 -5.18
C GLN E 112 22.26 -18.61 -5.23
N SER E 113 22.74 -19.03 -4.04
CA SER E 113 23.94 -19.86 -3.95
C SER E 113 23.76 -21.18 -4.69
N VAL E 114 22.59 -21.81 -4.56
CA VAL E 114 22.35 -23.13 -5.14
C VAL E 114 22.51 -23.15 -6.66
N LEU E 115 22.54 -21.98 -7.31
CA LEU E 115 22.71 -21.91 -8.75
C LEU E 115 24.16 -21.77 -9.17
N LEU E 116 25.07 -21.61 -8.22
CA LEU E 116 26.51 -21.49 -8.41
C LEU E 116 27.15 -22.85 -8.70
N PRO E 117 28.27 -22.88 -9.45
CA PRO E 117 28.98 -24.12 -9.74
C PRO E 117 29.36 -24.90 -8.48
N ARG F 26 6.02 33.08 -24.10
CA ARG F 26 4.79 33.70 -23.60
C ARG F 26 4.58 33.34 -22.13
N ARG F 27 5.56 33.70 -21.30
CA ARG F 27 5.49 33.50 -19.86
C ARG F 27 5.18 32.03 -19.51
N LYS F 28 6.16 31.18 -19.78
CA LYS F 28 6.03 29.76 -19.50
C LYS F 28 5.88 29.52 -18.00
N THR F 29 5.18 28.43 -17.66
CA THR F 29 4.95 28.10 -16.26
C THR F 29 6.29 27.92 -15.54
N ARG F 30 6.52 28.77 -14.53
CA ARG F 30 7.71 28.68 -13.70
C ARG F 30 7.67 27.41 -12.85
N LYS F 31 8.24 26.32 -13.37
CA LYS F 31 8.27 25.06 -12.66
C LYS F 31 9.35 25.10 -11.58
N GLU F 32 8.94 24.94 -10.33
CA GLU F 32 9.86 24.95 -9.20
C GLU F 32 10.38 23.55 -8.93
N SER F 33 11.67 23.46 -8.61
CA SER F 33 12.32 22.20 -8.27
C SER F 33 13.01 22.33 -6.92
N TYR F 34 13.58 21.23 -6.45
CA TYR F 34 14.51 21.22 -5.32
C TYR F 34 15.96 21.13 -5.77
N ALA F 35 16.21 21.38 -7.06
CA ALA F 35 17.49 21.01 -7.66
C ALA F 35 18.65 21.82 -7.09
N ILE F 36 18.48 23.13 -6.95
CA ILE F 36 19.61 23.95 -6.52
C ILE F 36 19.95 23.67 -5.06
N TYR F 37 18.96 23.26 -4.27
CA TYR F 37 19.23 22.95 -2.87
C TYR F 37 19.97 21.63 -2.72
N VAL F 38 19.47 20.57 -3.36
CA VAL F 38 20.17 19.29 -3.28
C VAL F 38 21.55 19.40 -3.92
N TYR F 39 21.74 20.34 -4.85
CA TYR F 39 23.07 20.57 -5.41
C TYR F 39 23.99 21.21 -4.37
N LYS F 40 23.48 22.19 -3.62
CA LYS F 40 24.25 22.76 -2.52
C LYS F 40 24.69 21.67 -1.55
N VAL F 41 23.73 20.85 -1.13
CA VAL F 41 24.03 19.76 -0.20
C VAL F 41 24.99 18.75 -0.83
N LEU F 42 24.97 18.62 -2.16
CA LEU F 42 25.86 17.68 -2.81
C LEU F 42 27.32 18.11 -2.67
N LYS F 43 27.61 19.37 -2.99
CA LYS F 43 28.98 19.87 -2.89
C LYS F 43 29.44 20.00 -1.45
N GLN F 44 28.51 20.03 -0.49
CA GLN F 44 28.91 20.08 0.91
C GLN F 44 29.45 18.72 1.38
N VAL F 45 29.01 17.62 0.76
CA VAL F 45 29.37 16.28 1.18
C VAL F 45 30.35 15.62 0.21
N HIS F 46 30.24 15.91 -1.09
CA HIS F 46 31.20 15.44 -2.07
C HIS F 46 31.49 16.59 -3.03
N PRO F 47 32.47 17.43 -2.70
CA PRO F 47 32.66 18.68 -3.47
C PRO F 47 33.17 18.46 -4.88
N ASP F 48 33.66 17.28 -5.21
CA ASP F 48 34.17 17.04 -6.56
C ASP F 48 33.23 16.22 -7.44
N THR F 49 32.16 15.63 -6.90
CA THR F 49 31.26 14.80 -7.69
C THR F 49 30.13 15.62 -8.27
N GLY F 50 29.81 15.34 -9.54
CA GLY F 50 28.64 15.89 -10.17
C GLY F 50 27.42 15.00 -9.97
N ILE F 51 26.32 15.39 -10.61
CA ILE F 51 25.11 14.59 -10.63
C ILE F 51 24.46 14.76 -11.99
N SER F 52 24.12 13.63 -12.62
CA SER F 52 23.45 13.67 -13.90
C SER F 52 22.03 14.22 -13.75
N SER F 53 21.48 14.73 -14.85
CA SER F 53 20.16 15.34 -14.81
C SER F 53 19.09 14.32 -14.39
N LYS F 54 19.22 13.08 -14.83
CA LYS F 54 18.21 12.09 -14.44
C LYS F 54 18.32 11.75 -12.97
N ALA F 55 19.55 11.60 -12.46
CA ALA F 55 19.73 11.37 -11.03
C ALA F 55 19.23 12.54 -10.21
N MET F 56 19.39 13.76 -10.72
CA MET F 56 18.83 14.93 -10.05
C MET F 56 17.31 14.84 -10.02
N SER F 57 16.69 14.52 -11.16
CA SER F 57 15.24 14.38 -11.21
C SER F 57 14.77 13.35 -10.18
N ILE F 58 15.50 12.24 -10.06
CA ILE F 58 15.19 11.25 -9.03
C ILE F 58 15.28 11.86 -7.65
N MET F 59 16.30 12.71 -7.41
CA MET F 59 16.44 13.34 -6.10
C MET F 59 15.25 14.24 -5.79
N ASN F 60 14.83 15.05 -6.76
CA ASN F 60 13.66 15.90 -6.58
C ASN F 60 12.42 15.06 -6.30
N SER F 61 12.25 13.95 -7.02
CA SER F 61 11.13 13.06 -6.76
C SER F 61 11.18 12.52 -5.33
N PHE F 62 12.37 12.16 -4.86
CA PHE F 62 12.52 11.66 -3.50
C PHE F 62 12.15 12.73 -2.48
N VAL F 63 12.58 13.97 -2.69
CA VAL F 63 12.29 15.02 -1.72
C VAL F 63 10.79 15.31 -1.68
N ASN F 64 10.17 15.45 -2.85
CA ASN F 64 8.72 15.70 -2.87
C ASN F 64 7.95 14.54 -2.25
N ASP F 65 8.44 13.31 -2.46
CA ASP F 65 7.81 12.13 -1.87
C ASP F 65 7.87 12.18 -0.34
N VAL F 66 9.08 12.24 0.22
CA VAL F 66 9.22 12.30 1.68
C VAL F 66 8.41 13.46 2.26
N PHE F 67 8.41 14.60 1.56
CA PHE F 67 7.60 15.74 1.96
C PHE F 67 6.13 15.35 2.10
N GLU F 68 5.58 14.72 1.07
CA GLU F 68 4.17 14.37 1.08
C GLU F 68 3.86 13.36 2.19
N ARG F 69 4.75 12.40 2.41
CA ARG F 69 4.51 11.40 3.44
C ARG F 69 4.54 12.03 4.84
N ILE F 70 5.54 12.86 5.12
CA ILE F 70 5.64 13.48 6.44
C ILE F 70 4.47 14.43 6.67
N ALA F 71 4.23 15.35 5.74
CA ALA F 71 3.14 16.30 5.90
C ALA F 71 1.79 15.58 6.01
N GLY F 72 1.63 14.45 5.30
CA GLY F 72 0.41 13.69 5.42
C GLY F 72 0.23 13.09 6.80
N GLU F 73 1.31 12.51 7.34
CA GLU F 73 1.23 11.95 8.70
C GLU F 73 0.94 13.03 9.73
N ALA F 74 1.59 14.19 9.60
CA ALA F 74 1.33 15.28 10.54
C ALA F 74 -0.13 15.73 10.46
N SER F 75 -0.66 15.86 9.24
CA SER F 75 -2.06 16.20 9.05
C SER F 75 -2.96 15.21 9.77
N ARG F 76 -2.73 13.91 9.56
CA ARG F 76 -3.52 12.89 10.22
C ARG F 76 -3.42 13.00 11.74
N LEU F 77 -2.23 13.29 12.27
CA LEU F 77 -2.08 13.48 13.71
C LEU F 77 -2.96 14.63 14.22
N ALA F 78 -2.87 15.79 13.56
CA ALA F 78 -3.67 16.94 13.94
C ALA F 78 -5.15 16.59 13.97
N HIS F 79 -5.64 15.96 12.90
CA HIS F 79 -7.05 15.60 12.84
C HIS F 79 -7.41 14.58 13.93
N TYR F 80 -6.47 13.70 14.28
CA TYR F 80 -6.72 12.69 15.30
C TYR F 80 -6.82 13.29 16.68
N ASN F 81 -6.15 14.42 16.91
CA ASN F 81 -6.17 15.07 18.22
C ASN F 81 -7.05 16.32 18.23
N LYS F 82 -7.94 16.46 17.25
CA LYS F 82 -8.85 17.61 17.14
C LYS F 82 -8.09 18.93 17.21
N ARG F 83 -7.04 19.03 16.41
CA ARG F 83 -6.19 20.21 16.32
C ARG F 83 -6.17 20.71 14.89
N SER F 84 -6.07 22.04 14.75
CA SER F 84 -6.03 22.68 13.45
C SER F 84 -4.68 23.29 13.11
N THR F 85 -3.64 22.97 13.89
CA THR F 85 -2.31 23.54 13.70
C THR F 85 -1.30 22.42 13.54
N ILE F 86 -0.48 22.51 12.49
CA ILE F 86 0.65 21.60 12.29
C ILE F 86 1.85 22.26 12.97
N THR F 87 2.12 21.87 14.22
CA THR F 87 3.32 22.32 14.91
C THR F 87 4.53 21.50 14.46
N SER F 88 5.71 21.96 14.86
CA SER F 88 6.91 21.15 14.65
C SER F 88 6.86 19.85 15.45
N ARG F 89 6.00 19.78 16.46
CA ARG F 89 5.79 18.54 17.20
C ARG F 89 5.17 17.49 16.30
N GLU F 90 4.11 17.85 15.56
CA GLU F 90 3.48 16.93 14.63
C GLU F 90 4.46 16.45 13.59
N ILE F 91 5.27 17.36 13.04
CA ILE F 91 6.32 16.96 12.11
C ILE F 91 7.26 15.96 12.76
N GLN F 92 7.59 16.18 14.05
CA GLN F 92 8.55 15.31 14.72
C GLN F 92 8.00 13.89 14.87
N THR F 93 6.86 13.74 15.54
CA THR F 93 6.34 12.40 15.74
C THR F 93 5.92 11.75 14.43
N ALA F 94 5.59 12.56 13.42
CA ALA F 94 5.40 12.01 12.07
C ALA F 94 6.68 11.39 11.56
N VAL F 95 7.79 12.11 11.69
CA VAL F 95 9.10 11.57 11.31
C VAL F 95 9.38 10.28 12.07
N ARG F 96 9.06 10.24 13.36
CA ARG F 96 9.25 9.02 14.12
C ARG F 96 8.38 7.88 13.59
N LEU F 97 7.16 8.18 13.12
CA LEU F 97 6.30 7.13 12.60
C LEU F 97 6.82 6.59 11.28
N LEU F 98 7.33 7.47 10.41
CA LEU F 98 7.68 7.09 9.03
C LEU F 98 9.09 6.55 8.89
N LEU F 99 10.09 7.25 9.43
CA LEU F 99 11.45 6.85 9.14
C LEU F 99 11.87 5.64 9.98
N PRO F 100 12.70 4.76 9.42
CA PRO F 100 13.16 3.58 10.16
C PRO F 100 14.37 3.85 11.04
N GLY F 101 14.33 3.32 12.26
CA GLY F 101 15.44 3.32 13.20
C GLY F 101 16.32 4.55 13.29
N GLU F 102 17.60 4.38 12.95
CA GLU F 102 18.59 5.45 13.14
C GLU F 102 18.23 6.68 12.34
N LEU F 103 17.72 6.51 11.11
CA LEU F 103 17.31 7.65 10.32
C LEU F 103 16.36 8.55 11.10
N ALA F 104 15.37 7.94 11.76
CA ALA F 104 14.43 8.72 12.57
C ALA F 104 15.16 9.51 13.64
N LYS F 105 16.03 8.85 14.40
CA LYS F 105 16.71 9.54 15.50
C LYS F 105 17.62 10.64 15.00
N HIS F 106 18.39 10.38 13.92
CA HIS F 106 19.23 11.42 13.36
C HIS F 106 18.39 12.56 12.80
N ALA F 107 17.33 12.24 12.07
CA ALA F 107 16.47 13.29 11.50
C ALA F 107 15.83 14.12 12.61
N VAL F 108 15.32 13.45 13.65
CA VAL F 108 14.69 14.16 14.77
C VAL F 108 15.69 15.11 15.42
N SER F 109 16.95 14.69 15.51
CA SER F 109 17.98 15.53 16.12
C SER F 109 18.28 16.75 15.26
N GLU F 110 18.31 16.57 13.94
CA GLU F 110 18.47 17.70 13.03
C GLU F 110 17.26 18.64 13.08
N GLY F 111 16.05 18.08 13.20
CA GLY F 111 14.87 18.92 13.32
C GLY F 111 14.87 19.75 14.59
N THR F 112 15.29 19.15 15.71
CA THR F 112 15.34 19.89 16.96
C THR F 112 16.43 20.95 16.95
N LYS F 113 17.58 20.64 16.34
CA LYS F 113 18.66 21.63 16.28
C LYS F 113 18.25 22.83 15.44
N ALA F 114 17.72 22.59 14.25
CA ALA F 114 17.34 23.71 13.37
C ALA F 114 16.23 24.56 13.98
N VAL F 115 15.31 23.93 14.72
CA VAL F 115 14.23 24.70 15.35
C VAL F 115 14.79 25.58 16.47
N THR F 116 15.64 25.01 17.32
CA THR F 116 16.21 25.81 18.41
C THR F 116 17.05 26.96 17.87
N LYS F 117 17.83 26.71 16.81
CA LYS F 117 18.61 27.79 16.21
C LYS F 117 17.72 28.87 15.62
N TYR F 118 16.62 28.47 14.97
CA TYR F 118 15.71 29.44 14.38
C TYR F 118 15.02 30.27 15.47
N THR F 119 14.50 29.61 16.50
CA THR F 119 13.93 30.34 17.63
C THR F 119 15.00 31.00 18.50
N SER F 120 16.27 30.83 18.17
CA SER F 120 17.34 31.47 18.94
C SER F 120 17.61 32.89 18.45
N ALA F 121 17.31 33.17 17.18
CA ALA F 121 17.48 34.50 16.61
C ALA F 121 16.16 35.24 16.57
N HIS G 39 29.46 -25.28 -27.49
CA HIS G 39 30.47 -26.28 -27.86
C HIS G 39 31.54 -26.41 -26.79
N CYS G 40 31.87 -25.29 -26.16
CA CYS G 40 32.89 -25.29 -25.10
C CYS G 40 32.25 -25.33 -23.72
N TYR G 41 31.59 -24.25 -23.34
CA TYR G 41 30.96 -24.17 -22.03
C TYR G 41 29.80 -25.15 -21.93
N ARG G 42 29.60 -25.67 -20.74
CA ARG G 42 28.54 -26.62 -20.47
C ARG G 42 27.21 -25.90 -20.26
N PRO G 43 26.10 -26.64 -20.35
CA PRO G 43 24.79 -26.00 -20.22
C PRO G 43 24.60 -25.37 -18.85
N GLY G 44 24.41 -24.05 -18.82
CA GLY G 44 24.18 -23.35 -17.58
C GLY G 44 25.13 -22.21 -17.33
N THR G 45 26.41 -22.39 -17.65
CA THR G 45 27.40 -21.39 -17.28
C THR G 45 27.27 -20.11 -18.09
N VAL G 46 26.85 -20.23 -19.36
CA VAL G 46 26.57 -19.04 -20.16
C VAL G 46 25.38 -18.29 -19.57
N ALA G 47 24.47 -19.02 -18.93
CA ALA G 47 23.35 -18.38 -18.24
C ALA G 47 23.82 -17.60 -17.02
N LEU G 48 24.76 -18.17 -16.25
CA LEU G 48 25.34 -17.42 -15.14
C LEU G 48 26.06 -16.17 -15.64
N ARG G 49 26.79 -16.31 -16.75
CA ARG G 49 27.40 -15.14 -17.38
C ARG G 49 26.35 -14.07 -17.69
N GLU G 50 25.20 -14.50 -18.24
CA GLU G 50 24.17 -13.53 -18.57
C GLU G 50 23.53 -12.93 -17.33
N ILE G 51 23.50 -13.69 -16.23
CA ILE G 51 23.01 -13.15 -14.97
C ILE G 51 23.92 -12.05 -14.46
N ARG G 52 25.23 -12.34 -14.39
CA ARG G 52 26.17 -11.31 -13.93
C ARG G 52 26.09 -10.08 -14.81
N ARG G 53 25.96 -10.30 -16.14
CA ARG G 53 25.88 -9.23 -17.12
C ARG G 53 24.65 -8.34 -16.91
N TYR G 54 23.43 -8.90 -17.05
CA TYR G 54 22.26 -8.04 -16.95
C TYR G 54 22.03 -7.56 -15.51
N GLN G 55 22.60 -8.23 -14.51
CA GLN G 55 22.53 -7.73 -13.13
C GLN G 55 23.57 -6.65 -12.85
N LYS G 56 24.49 -6.40 -13.79
CA LYS G 56 25.47 -5.34 -13.66
C LYS G 56 25.04 -4.03 -14.31
N SER G 57 24.06 -4.07 -15.21
CA SER G 57 23.69 -2.92 -16.03
C SER G 57 22.26 -2.48 -15.74
N THR G 58 21.84 -1.43 -16.42
CA THR G 58 20.57 -0.76 -16.15
C THR G 58 19.69 -0.58 -17.38
N GLU G 59 20.20 -0.81 -18.58
CA GLU G 59 19.45 -0.58 -19.82
C GLU G 59 18.16 -1.39 -19.82
N LEU G 60 17.14 -0.84 -20.48
CA LEU G 60 15.88 -1.56 -20.64
C LEU G 60 16.09 -2.73 -21.60
N LEU G 61 15.32 -3.80 -21.37
CA LEU G 61 15.59 -5.06 -22.04
C LEU G 61 14.51 -5.50 -23.03
N ILE G 62 13.28 -4.99 -22.90
CA ILE G 62 12.30 -5.15 -23.96
C ILE G 62 12.61 -4.15 -25.06
N ARG G 63 12.46 -4.59 -26.31
CA ARG G 63 12.60 -3.68 -27.44
C ARG G 63 11.67 -2.48 -27.27
N LYS G 64 12.13 -1.31 -27.70
CA LYS G 64 11.38 -0.08 -27.45
C LYS G 64 10.08 -0.05 -28.25
N LEU G 65 10.18 -0.24 -29.57
CA LEU G 65 8.99 -0.05 -30.42
C LEU G 65 7.93 -1.12 -30.20
N PRO G 66 8.27 -2.42 -30.08
CA PRO G 66 7.24 -3.40 -29.68
C PRO G 66 6.55 -3.05 -28.37
N PHE G 67 7.29 -2.54 -27.38
CA PHE G 67 6.64 -2.14 -26.13
C PHE G 67 5.70 -0.98 -26.36
N GLN G 68 6.12 0.00 -27.15
CA GLN G 68 5.25 1.13 -27.44
C GLN G 68 3.98 0.67 -28.17
N ARG G 69 4.12 -0.26 -29.11
CA ARG G 69 2.94 -0.77 -29.82
C ARG G 69 2.00 -1.50 -28.87
N LEU G 70 2.56 -2.26 -27.91
CA LEU G 70 1.71 -2.95 -26.95
C LEU G 70 0.97 -1.96 -26.06
N VAL G 71 1.65 -0.88 -25.65
CA VAL G 71 1.02 0.13 -24.83
C VAL G 71 -0.11 0.80 -25.59
N ARG G 72 0.10 1.08 -26.88
CA ARG G 72 -0.94 1.73 -27.66
C ARG G 72 -2.10 0.81 -27.96
N GLU G 73 -1.85 -0.49 -28.13
CA GLU G 73 -2.93 -1.45 -28.29
C GLU G 73 -3.78 -1.51 -27.03
N ILE G 74 -3.13 -1.72 -25.88
CA ILE G 74 -3.87 -1.82 -24.63
C ILE G 74 -4.66 -0.55 -24.35
N ALA G 75 -4.00 0.60 -24.48
CA ALA G 75 -4.65 1.88 -24.27
C ALA G 75 -5.73 2.17 -25.30
N GLN G 76 -5.62 1.60 -26.49
CA GLN G 76 -6.60 1.89 -27.53
C GLN G 76 -7.93 1.19 -27.23
N ASP G 77 -7.90 0.13 -26.44
CA ASP G 77 -9.09 -0.57 -26.01
C ASP G 77 -9.82 0.14 -24.87
N PHE G 78 -9.15 1.07 -24.18
CA PHE G 78 -9.79 1.82 -23.11
C PHE G 78 -10.42 3.11 -23.61
N LYS G 79 -9.73 3.81 -24.51
CA LYS G 79 -10.26 5.05 -25.08
C LYS G 79 -9.62 5.29 -26.44
N THR G 80 -10.44 5.63 -27.41
CA THR G 80 -9.96 5.93 -28.75
C THR G 80 -9.26 7.29 -28.78
N ASP G 81 -8.40 7.47 -29.78
CA ASP G 81 -7.64 8.70 -30.01
C ASP G 81 -6.91 9.14 -28.73
N LEU G 82 -5.88 8.37 -28.40
CA LEU G 82 -5.03 8.66 -27.24
C LEU G 82 -3.58 8.73 -27.69
N ARG G 83 -3.00 9.92 -27.63
CA ARG G 83 -1.59 10.12 -27.91
C ARG G 83 -0.79 10.01 -26.62
N PHE G 84 0.51 9.78 -26.77
CA PHE G 84 1.39 9.59 -25.63
C PHE G 84 2.58 10.53 -25.72
N GLN G 85 2.87 11.22 -24.62
CA GLN G 85 4.22 11.74 -24.46
C GLN G 85 5.19 10.58 -24.49
N SER G 86 6.32 10.78 -25.18
CA SER G 86 7.34 9.74 -25.22
C SER G 86 7.80 9.35 -23.82
N SER G 87 7.94 10.34 -22.93
CA SER G 87 8.37 9.98 -21.58
C SER G 87 7.30 9.18 -20.83
N ALA G 88 6.05 9.21 -21.28
CA ALA G 88 5.03 8.38 -20.64
C ALA G 88 5.23 6.91 -21.02
N VAL G 89 5.58 6.65 -22.28
CA VAL G 89 5.87 5.29 -22.69
C VAL G 89 7.14 4.80 -22.02
N MET G 90 8.14 5.68 -21.90
CA MET G 90 9.35 5.31 -21.18
C MET G 90 9.06 5.03 -19.70
N ALA G 91 8.20 5.82 -19.08
CA ALA G 91 7.84 5.54 -17.69
C ALA G 91 7.14 4.18 -17.58
N LEU G 92 6.21 3.90 -18.48
CA LEU G 92 5.53 2.60 -18.45
C LEU G 92 6.52 1.46 -18.66
N GLN G 93 7.54 1.68 -19.47
CA GLN G 93 8.50 0.62 -19.71
C GLN G 93 9.39 0.38 -18.50
N GLU G 94 9.88 1.47 -17.88
CA GLU G 94 10.67 1.34 -16.65
C GLU G 94 9.88 0.65 -15.55
N ALA G 95 8.62 1.05 -15.37
CA ALA G 95 7.77 0.43 -14.37
C ALA G 95 7.53 -1.05 -14.67
N SER G 96 7.25 -1.36 -15.94
CA SER G 96 6.96 -2.75 -16.33
C SER G 96 8.17 -3.65 -16.10
N GLU G 97 9.36 -3.18 -16.51
CA GLU G 97 10.53 -4.04 -16.39
C GLU G 97 10.96 -4.19 -14.93
N ALA G 98 10.81 -3.14 -14.13
CA ALA G 98 11.10 -3.29 -12.70
C ALA G 98 10.17 -4.33 -12.08
N TYR G 99 8.87 -4.21 -12.36
CA TYR G 99 7.89 -5.16 -11.85
C TYR G 99 8.23 -6.59 -12.26
N LEU G 100 8.53 -6.79 -13.54
CA LEU G 100 8.81 -8.14 -14.01
C LEU G 100 10.10 -8.69 -13.42
N VAL G 101 11.10 -7.84 -13.20
CA VAL G 101 12.37 -8.32 -12.63
C VAL G 101 12.16 -8.74 -11.18
N ALA G 102 11.48 -7.91 -10.39
CA ALA G 102 11.17 -8.33 -9.02
C ALA G 102 10.36 -9.62 -9.00
N LEU G 103 9.36 -9.72 -9.89
CA LEU G 103 8.53 -10.92 -9.96
C LEU G 103 9.36 -12.15 -10.29
N PHE G 104 10.34 -12.00 -11.17
CA PHE G 104 11.22 -13.10 -11.50
C PHE G 104 12.11 -13.48 -10.31
N GLU G 105 12.49 -12.51 -9.48
CA GLU G 105 13.24 -12.85 -8.26
C GLU G 105 12.40 -13.73 -7.34
N ASP G 106 11.16 -13.29 -7.04
CA ASP G 106 10.29 -14.11 -6.20
C ASP G 106 10.03 -15.47 -6.82
N THR G 107 9.81 -15.48 -8.15
CA THR G 107 9.58 -16.74 -8.86
C THR G 107 10.76 -17.69 -8.67
N ASN G 108 11.98 -17.16 -8.84
CA ASN G 108 13.19 -17.98 -8.65
C ASN G 108 13.24 -18.53 -7.23
N LEU G 109 12.91 -17.70 -6.24
CA LEU G 109 12.85 -18.19 -4.86
C LEU G 109 11.88 -19.35 -4.75
N ALA G 110 10.73 -19.27 -5.43
CA ALA G 110 9.74 -20.34 -5.33
C ALA G 110 10.24 -21.64 -5.96
N ALA G 111 10.82 -21.54 -7.16
CA ALA G 111 11.43 -22.71 -7.80
C ALA G 111 12.46 -23.35 -6.89
N ILE G 112 13.36 -22.55 -6.31
CA ILE G 112 14.38 -23.08 -5.41
C ILE G 112 13.73 -23.72 -4.18
N HIS G 113 12.61 -23.15 -3.72
CA HIS G 113 11.88 -23.75 -2.61
C HIS G 113 11.34 -25.12 -2.96
N ALA G 114 11.00 -25.33 -4.24
CA ALA G 114 10.55 -26.65 -4.68
C ALA G 114 11.71 -27.55 -5.10
N LYS G 115 12.92 -27.26 -4.64
CA LYS G 115 14.13 -28.04 -4.94
C LYS G 115 14.37 -28.16 -6.45
N ARG G 116 14.00 -27.13 -7.20
CA ARG G 116 14.28 -27.06 -8.63
C ARG G 116 15.12 -25.82 -8.92
N VAL G 117 15.73 -25.81 -10.10
CA VAL G 117 16.46 -24.65 -10.61
C VAL G 117 15.80 -24.06 -11.85
N THR G 118 14.65 -24.59 -12.25
CA THR G 118 13.92 -24.13 -13.42
C THR G 118 12.62 -23.47 -12.98
N ILE G 119 12.46 -22.19 -13.30
CA ILE G 119 11.22 -21.50 -13.00
C ILE G 119 10.12 -21.97 -13.94
N MET G 120 8.94 -22.19 -13.39
CA MET G 120 7.79 -22.72 -14.11
C MET G 120 6.56 -21.86 -13.80
N PRO G 121 5.52 -21.94 -14.62
CA PRO G 121 4.31 -21.14 -14.35
C PRO G 121 3.77 -21.29 -12.94
N LYS G 122 3.84 -22.50 -12.36
CA LYS G 122 3.40 -22.69 -10.99
C LYS G 122 4.17 -21.80 -10.02
N ASP G 123 5.42 -21.48 -10.34
CA ASP G 123 6.21 -20.59 -9.50
C ASP G 123 5.67 -19.16 -9.56
N ILE G 124 5.56 -18.61 -10.77
CA ILE G 124 4.98 -17.27 -10.95
C ILE G 124 3.63 -17.17 -10.27
N GLN G 125 2.81 -18.21 -10.40
CA GLN G 125 1.46 -18.16 -9.80
C GLN G 125 1.53 -18.17 -8.28
N LEU G 126 2.44 -18.98 -7.71
CA LEU G 126 2.58 -18.97 -6.26
C LEU G 126 3.08 -17.62 -5.75
N ALA G 127 4.04 -17.02 -6.45
CA ALA G 127 4.55 -15.72 -6.06
C ALA G 127 3.45 -14.65 -6.12
N ARG G 128 2.73 -14.59 -7.25
CA ARG G 128 1.67 -13.58 -7.36
C ARG G 128 0.55 -13.83 -6.37
N ARG G 129 0.32 -15.09 -6.00
CA ARG G 129 -0.71 -15.41 -5.04
C ARG G 129 -0.32 -14.97 -3.64
N ILE G 130 0.92 -15.26 -3.23
CA ILE G 130 1.37 -14.86 -1.91
C ILE G 130 1.52 -13.34 -1.83
N ARG G 131 1.88 -12.69 -2.94
CA ARG G 131 1.93 -11.24 -2.97
C ARG G 131 0.55 -10.61 -2.81
N GLY G 132 -0.52 -11.38 -2.99
CA GLY G 132 -1.85 -10.79 -2.99
C GLY G 132 -2.23 -10.13 -4.29
N GLU G 133 -1.60 -10.53 -5.39
CA GLU G 133 -1.96 -10.03 -6.71
C GLU G 133 -3.02 -10.94 -7.33
N ARG H 18 -6.43 10.15 -42.95
CA ARG H 18 -5.89 9.81 -41.63
C ARG H 18 -6.22 8.39 -41.21
N HIS H 19 -5.86 7.43 -42.07
CA HIS H 19 -6.11 6.02 -41.78
C HIS H 19 -4.91 5.41 -41.08
N ARG H 20 -5.17 4.64 -40.02
CA ARG H 20 -4.12 3.97 -39.26
C ARG H 20 -4.31 2.46 -39.34
N LYS H 21 -3.21 1.73 -39.31
CA LYS H 21 -3.30 0.28 -39.34
C LYS H 21 -3.88 -0.25 -38.03
N VAL H 22 -4.35 -1.50 -38.08
CA VAL H 22 -5.02 -2.10 -36.92
C VAL H 22 -3.96 -2.75 -36.04
N LEU H 23 -3.94 -2.35 -34.77
CA LEU H 23 -3.01 -2.91 -33.80
C LEU H 23 -3.58 -4.21 -33.24
N ARG H 24 -2.86 -5.31 -33.41
CA ARG H 24 -3.30 -6.60 -32.89
C ARG H 24 -2.10 -7.50 -32.69
N ASP H 25 -2.20 -8.34 -31.65
CA ASP H 25 -1.19 -9.36 -31.30
C ASP H 25 0.15 -8.77 -30.88
N ASN H 26 0.19 -7.49 -30.50
CA ASN H 26 1.46 -6.87 -30.17
C ASN H 26 2.07 -7.40 -28.89
N ILE H 27 1.34 -8.21 -28.11
CA ILE H 27 1.93 -8.86 -26.95
C ILE H 27 3.05 -9.80 -27.36
N GLN H 28 3.02 -10.31 -28.60
CA GLN H 28 4.08 -11.17 -29.10
C GLN H 28 5.33 -10.39 -29.46
N GLY H 29 5.26 -9.05 -29.48
CA GLY H 29 6.47 -8.25 -29.58
C GLY H 29 7.33 -8.33 -28.36
N ILE H 30 6.75 -8.67 -27.22
CA ILE H 30 7.49 -9.03 -26.03
C ILE H 30 8.11 -10.39 -26.32
N THR H 31 9.28 -10.38 -26.96
CA THR H 31 9.87 -11.61 -27.47
C THR H 31 10.30 -12.53 -26.33
N LYS H 32 10.46 -13.80 -26.68
CA LYS H 32 11.08 -14.74 -25.76
C LYS H 32 12.48 -14.30 -25.37
N PRO H 33 13.32 -13.72 -26.26
CA PRO H 33 14.58 -13.15 -25.80
C PRO H 33 14.41 -12.10 -24.70
N ALA H 34 13.52 -11.12 -24.89
CA ALA H 34 13.35 -10.07 -23.89
C ALA H 34 12.97 -10.67 -22.53
N ILE H 35 12.05 -11.63 -22.52
CA ILE H 35 11.65 -12.29 -21.29
C ILE H 35 12.84 -13.04 -20.68
N ARG H 36 13.71 -13.61 -21.52
CA ARG H 36 14.90 -14.26 -21.00
C ARG H 36 15.81 -13.26 -20.30
N ARG H 37 16.05 -12.11 -20.95
CA ARG H 37 16.87 -11.05 -20.34
C ARG H 37 16.31 -10.63 -18.99
N LEU H 38 15.01 -10.32 -18.94
CA LEU H 38 14.38 -9.93 -17.69
C LEU H 38 14.56 -11.00 -16.62
N ALA H 39 14.43 -12.28 -17.00
CA ALA H 39 14.64 -13.35 -16.02
C ALA H 39 16.09 -13.37 -15.55
N ARG H 40 17.04 -13.10 -16.46
CA ARG H 40 18.44 -13.10 -16.09
C ARG H 40 18.75 -11.99 -15.09
N ARG H 41 18.21 -10.79 -15.31
CA ARG H 41 18.39 -9.72 -14.33
C ARG H 41 17.78 -10.08 -12.98
N GLY H 42 16.73 -10.90 -12.99
CA GLY H 42 16.22 -11.43 -11.75
C GLY H 42 16.98 -12.60 -11.20
N GLY H 43 18.11 -12.96 -11.82
CA GLY H 43 18.93 -14.05 -11.34
C GLY H 43 18.42 -15.43 -11.68
N VAL H 44 17.55 -15.56 -12.68
CA VAL H 44 17.01 -16.86 -13.06
C VAL H 44 18.00 -17.57 -13.98
N LYS H 45 18.29 -18.83 -13.67
CA LYS H 45 19.27 -19.60 -14.41
C LYS H 45 18.63 -20.44 -15.53
N ARG H 46 17.53 -21.12 -15.25
CA ARG H 46 16.89 -21.99 -16.23
C ARG H 46 15.41 -21.67 -16.32
N ILE H 47 14.88 -21.64 -17.53
CA ILE H 47 13.53 -21.16 -17.81
C ILE H 47 12.76 -22.24 -18.57
N SER H 48 11.63 -22.69 -18.01
CA SER H 48 10.79 -23.65 -18.70
C SER H 48 10.09 -23.00 -19.89
N GLY H 49 9.71 -23.84 -20.86
CA GLY H 49 9.22 -23.35 -22.12
C GLY H 49 7.89 -22.61 -22.08
N LEU H 50 7.10 -22.81 -21.02
CA LEU H 50 5.80 -22.16 -20.95
C LEU H 50 5.87 -20.76 -20.33
N ILE H 51 6.89 -20.51 -19.49
CA ILE H 51 7.10 -19.25 -18.78
C ILE H 51 6.74 -18.06 -19.66
N TYR H 52 7.26 -18.08 -20.88
CA TYR H 52 7.12 -16.94 -21.78
C TYR H 52 5.67 -16.51 -21.92
N GLU H 53 4.78 -17.42 -22.33
CA GLU H 53 3.38 -17.05 -22.45
C GLU H 53 2.84 -16.55 -21.12
N GLU H 54 3.10 -17.30 -20.05
CA GLU H 54 2.70 -16.85 -18.72
C GLU H 54 3.15 -15.43 -18.48
N THR H 55 4.44 -15.18 -18.73
CA THR H 55 5.00 -13.84 -18.53
C THR H 55 4.15 -12.80 -19.25
N ARG H 56 3.91 -13.02 -20.55
CA ARG H 56 3.12 -12.05 -21.32
C ARG H 56 1.77 -11.82 -20.67
N GLY H 57 1.07 -12.90 -20.32
CA GLY H 57 -0.18 -12.80 -19.59
C GLY H 57 0.00 -11.87 -18.41
N VAL H 58 0.93 -12.21 -17.53
CA VAL H 58 1.23 -11.35 -16.39
C VAL H 58 1.44 -9.91 -16.87
N LEU H 59 2.42 -9.72 -17.74
CA LEU H 59 2.71 -8.38 -18.22
C LEU H 59 1.43 -7.67 -18.67
N LYS H 60 0.60 -8.37 -19.45
CA LYS H 60 -0.61 -7.76 -19.98
C LYS H 60 -1.45 -7.14 -18.87
N VAL H 61 -1.80 -7.94 -17.86
CA VAL H 61 -2.67 -7.40 -16.81
C VAL H 61 -1.99 -6.23 -16.13
N PHE H 62 -0.68 -6.35 -15.87
CA PHE H 62 0.04 -5.27 -15.20
C PHE H 62 -0.13 -3.97 -15.96
N LEU H 63 0.03 -4.03 -17.28
CA LEU H 63 -0.11 -2.82 -18.06
C LEU H 63 -1.54 -2.32 -18.02
N GLU H 64 -2.49 -3.23 -18.19
CA GLU H 64 -3.90 -2.86 -18.31
C GLU H 64 -4.29 -1.98 -17.15
N ASN H 65 -4.23 -2.56 -15.94
CA ASN H 65 -4.46 -1.82 -14.71
C ASN H 65 -3.84 -0.43 -14.77
N VAL H 66 -2.51 -0.37 -14.88
CA VAL H 66 -1.83 0.91 -14.83
C VAL H 66 -2.41 1.85 -15.88
N ILE H 67 -2.49 1.36 -17.12
CA ILE H 67 -2.91 2.23 -18.21
C ILE H 67 -4.31 2.76 -17.96
N ARG H 68 -5.21 1.91 -17.43
CA ARG H 68 -6.54 2.40 -17.06
C ARG H 68 -6.42 3.69 -16.27
N ASP H 69 -5.80 3.58 -15.08
CA ASP H 69 -5.73 4.74 -14.20
C ASP H 69 -5.11 5.92 -14.93
N ALA H 70 -4.08 5.66 -15.73
CA ALA H 70 -3.42 6.74 -16.45
C ALA H 70 -4.43 7.47 -17.31
N VAL H 71 -5.09 6.75 -18.22
CA VAL H 71 -6.00 7.45 -19.11
C VAL H 71 -7.16 8.04 -18.32
N THR H 72 -7.52 7.44 -17.19
CA THR H 72 -8.53 8.06 -16.34
C THR H 72 -8.11 9.46 -15.97
N TYR H 73 -6.90 9.61 -15.41
CA TYR H 73 -6.35 10.94 -15.14
C TYR H 73 -6.42 11.80 -16.40
N THR H 74 -5.96 11.25 -17.53
CA THR H 74 -6.06 11.95 -18.80
C THR H 74 -7.49 12.41 -19.06
N GLU H 75 -8.44 11.48 -18.99
CA GLU H 75 -9.82 11.84 -19.25
C GLU H 75 -10.32 12.88 -18.26
N HIS H 76 -9.82 12.86 -17.02
CA HIS H 76 -10.27 13.87 -16.06
C HIS H 76 -9.70 15.24 -16.39
N ALA H 77 -8.50 15.27 -16.96
CA ALA H 77 -7.91 16.56 -17.35
C ALA H 77 -8.44 17.07 -18.67
N LYS H 78 -9.41 16.36 -19.27
CA LYS H 78 -9.94 16.68 -20.59
C LYS H 78 -8.84 16.86 -21.63
N ARG H 79 -7.79 16.07 -21.51
CA ARG H 79 -6.69 16.02 -22.46
C ARG H 79 -6.82 14.79 -23.36
N LYS H 80 -6.05 14.78 -24.44
CA LYS H 80 -6.00 13.64 -25.33
C LYS H 80 -4.63 12.97 -25.37
N THR H 81 -3.58 13.63 -24.88
CA THR H 81 -2.26 13.03 -24.75
C THR H 81 -2.06 12.52 -23.34
N VAL H 82 -1.66 11.25 -23.20
CA VAL H 82 -1.29 10.71 -21.90
C VAL H 82 0.10 11.23 -21.55
N THR H 83 0.19 11.96 -20.43
CA THR H 83 1.44 12.55 -19.99
C THR H 83 2.20 11.59 -19.06
N ALA H 84 3.50 11.83 -18.93
CA ALA H 84 4.31 11.08 -17.96
C ALA H 84 3.75 11.23 -16.55
N MET H 85 3.21 12.42 -16.23
CA MET H 85 2.63 12.62 -14.90
C MET H 85 1.40 11.75 -14.68
N ASP H 86 0.60 11.52 -15.72
CA ASP H 86 -0.53 10.61 -15.57
C ASP H 86 -0.06 9.21 -15.21
N VAL H 87 1.01 8.75 -15.87
CA VAL H 87 1.57 7.44 -15.57
C VAL H 87 2.15 7.41 -14.16
N VAL H 88 2.76 8.52 -13.72
CA VAL H 88 3.36 8.55 -12.38
C VAL H 88 2.28 8.50 -11.31
N TYR H 89 1.17 9.22 -11.53
CA TYR H 89 0.06 9.19 -10.58
C TYR H 89 -0.59 7.82 -10.55
N ALA H 90 -0.79 7.22 -11.72
CA ALA H 90 -1.33 5.87 -11.81
C ALA H 90 -0.47 4.89 -11.03
N LEU H 91 0.85 4.93 -11.25
CA LEU H 91 1.76 4.01 -10.58
C LEU H 91 1.78 4.25 -9.08
N LYS H 92 1.78 5.52 -8.66
CA LYS H 92 1.80 5.80 -7.23
C LYS H 92 0.55 5.26 -6.56
N ARG H 93 -0.60 5.41 -7.22
CA ARG H 93 -1.84 4.88 -6.67
C ARG H 93 -1.80 3.35 -6.59
N GLN H 94 -1.19 2.71 -7.58
CA GLN H 94 -1.06 1.26 -7.61
C GLN H 94 -0.13 0.75 -6.52
N GLY H 95 0.50 1.67 -5.78
CA GLY H 95 1.50 1.30 -4.82
C GLY H 95 2.84 0.93 -5.41
N ARG H 96 3.15 1.41 -6.61
CA ARG H 96 4.45 1.20 -7.24
C ARG H 96 5.00 2.57 -7.67
N THR H 97 5.38 3.37 -6.67
CA THR H 97 5.92 4.69 -6.92
C THR H 97 7.16 4.65 -7.79
N LEU H 98 7.24 5.58 -8.74
CA LEU H 98 8.34 5.66 -9.69
C LEU H 98 9.02 7.02 -9.59
N TYR H 99 10.35 7.01 -9.46
CA TYR H 99 11.18 8.20 -9.46
C TYR H 99 11.85 8.36 -10.82
N GLY H 100 11.93 9.59 -11.30
CA GLY H 100 12.72 9.91 -12.49
C GLY H 100 11.95 10.50 -13.65
N PHE H 101 10.61 10.58 -13.57
CA PHE H 101 9.82 11.14 -14.65
C PHE H 101 8.95 12.32 -14.22
N GLY H 102 9.05 12.76 -12.97
CA GLY H 102 8.28 13.86 -12.46
C GLY H 102 7.71 13.55 -11.09
N GLY H 103 7.03 14.55 -10.53
CA GLY H 103 6.48 14.44 -9.20
C GLY H 103 7.50 14.75 -8.12
N ALA I 14 -36.55 23.78 4.49
CA ALA I 14 -37.73 22.93 4.35
C ALA I 14 -37.35 21.44 4.40
N LYS I 15 -37.13 20.86 3.23
CA LYS I 15 -36.76 19.45 3.14
C LYS I 15 -35.24 19.30 3.17
N THR I 16 -34.78 18.20 3.78
CA THR I 16 -33.35 17.91 3.80
C THR I 16 -32.83 17.71 2.38
N ARG I 17 -31.59 18.16 2.15
CA ARG I 17 -30.95 17.98 0.85
C ARG I 17 -30.85 16.52 0.44
N SER I 18 -30.89 15.61 1.43
CA SER I 18 -30.97 14.19 1.11
C SER I 18 -32.25 13.86 0.35
N SER I 19 -33.37 14.44 0.77
CA SER I 19 -34.64 14.21 0.07
C SER I 19 -34.62 14.82 -1.32
N ARG I 20 -33.95 15.97 -1.48
CA ARG I 20 -33.80 16.58 -2.80
C ARG I 20 -33.08 15.63 -3.75
N ALA I 21 -32.12 14.87 -3.25
CA ALA I 21 -31.45 13.86 -4.05
C ALA I 21 -32.07 12.48 -3.90
N GLY I 22 -33.13 12.35 -3.10
CA GLY I 22 -33.75 11.07 -2.85
C GLY I 22 -32.81 10.08 -2.22
N LEU I 23 -32.21 10.46 -1.09
CA LEU I 23 -31.17 9.67 -0.45
C LEU I 23 -31.47 9.51 1.04
N GLN I 24 -31.11 8.34 1.56
CA GLN I 24 -31.21 8.11 3.00
C GLN I 24 -29.98 8.64 3.73
N PHE I 25 -28.84 8.65 3.08
CA PHE I 25 -27.60 9.12 3.70
C PHE I 25 -27.58 10.65 3.79
N PRO I 26 -26.91 11.18 4.80
CA PRO I 26 -26.92 12.64 5.02
C PRO I 26 -26.08 13.36 3.97
N VAL I 27 -26.69 14.37 3.35
CA VAL I 27 -25.98 15.26 2.44
C VAL I 27 -25.28 16.38 3.20
N GLY I 28 -25.97 16.97 4.17
CA GLY I 28 -25.38 18.04 4.94
C GLY I 28 -24.14 17.61 5.70
N ARG I 29 -24.18 16.42 6.30
CA ARG I 29 -23.04 15.93 7.07
C ARG I 29 -21.86 15.63 6.16
N VAL I 30 -22.11 14.93 5.06
CA VAL I 30 -21.02 14.66 4.11
C VAL I 30 -20.40 15.95 3.63
N HIS I 31 -21.23 16.97 3.39
CA HIS I 31 -20.72 18.27 2.97
C HIS I 31 -19.86 18.90 4.06
N ARG I 32 -20.25 18.71 5.33
CA ARG I 32 -19.47 19.30 6.42
C ARG I 32 -18.15 18.55 6.60
N LEU I 33 -18.15 17.23 6.47
CA LEU I 33 -16.93 16.47 6.66
C LEU I 33 -15.95 16.68 5.51
N LEU I 34 -16.47 16.79 4.28
CA LEU I 34 -15.64 17.27 3.19
C LEU I 34 -15.15 18.68 3.48
N ARG I 35 -15.98 19.49 4.13
CA ARG I 35 -15.62 20.86 4.45
C ARG I 35 -14.43 20.90 5.42
N LYS I 36 -14.36 19.97 6.36
CA LYS I 36 -13.34 20.01 7.41
C LYS I 36 -12.21 19.01 7.20
N GLY I 37 -12.22 18.27 6.09
CA GLY I 37 -11.14 17.36 5.80
C GLY I 37 -9.97 18.00 5.10
N CYS I 38 -10.05 19.29 4.78
CA CYS I 38 -9.00 20.02 4.09
C CYS I 38 -8.65 19.34 2.77
N TYR I 39 -9.64 18.68 2.16
CA TYR I 39 -9.40 18.03 0.88
C TYR I 39 -9.26 19.06 -0.24
N ALA I 40 -9.88 20.22 -0.08
CA ALA I 40 -9.64 21.36 -0.96
C ALA I 40 -10.20 22.59 -0.26
N GLU I 41 -9.86 23.76 -0.81
CA GLU I 41 -10.35 25.01 -0.25
C GLU I 41 -11.86 25.10 -0.34
N ARG I 42 -12.44 24.57 -1.42
CA ARG I 42 -13.86 24.68 -1.68
C ARG I 42 -14.38 23.33 -2.17
N VAL I 43 -15.68 23.11 -1.96
CA VAL I 43 -16.36 21.94 -2.47
C VAL I 43 -17.70 22.39 -3.06
N GLY I 44 -17.97 21.97 -4.29
CA GLY I 44 -19.21 22.34 -4.94
C GLY I 44 -20.41 21.67 -4.29
N ALA I 45 -21.59 22.25 -4.54
CA ALA I 45 -22.82 21.76 -3.93
C ALA I 45 -23.18 20.35 -4.39
N GLY I 46 -22.69 19.92 -5.55
CA GLY I 46 -23.01 18.59 -6.06
C GLY I 46 -22.19 17.48 -5.47
N ALA I 47 -20.92 17.75 -5.17
CA ALA I 47 -20.02 16.72 -4.66
C ALA I 47 -20.55 15.98 -3.43
N PRO I 48 -21.05 16.64 -2.38
CA PRO I 48 -21.53 15.88 -1.22
C PRO I 48 -22.71 14.97 -1.53
N VAL I 49 -23.61 15.34 -2.44
CA VAL I 49 -24.74 14.46 -2.74
C VAL I 49 -24.28 13.26 -3.57
N TYR I 50 -23.29 13.46 -4.44
CA TYR I 50 -22.71 12.34 -5.18
C TYR I 50 -22.00 11.38 -4.24
N LEU I 51 -21.20 11.92 -3.31
CA LEU I 51 -20.48 11.07 -2.37
C LEU I 51 -21.44 10.33 -1.45
N ALA I 52 -22.46 11.02 -0.94
CA ALA I 52 -23.47 10.37 -0.13
C ALA I 52 -24.17 9.27 -0.91
N ALA I 53 -24.43 9.51 -2.19
CA ALA I 53 -25.08 8.49 -3.02
C ALA I 53 -24.20 7.26 -3.15
N VAL I 54 -22.90 7.45 -3.42
CA VAL I 54 -21.99 6.32 -3.57
C VAL I 54 -21.88 5.54 -2.27
N LEU I 55 -21.77 6.25 -1.14
CA LEU I 55 -21.70 5.59 0.16
C LEU I 55 -22.96 4.77 0.42
N GLU I 56 -24.14 5.39 0.25
CA GLU I 56 -25.39 4.67 0.47
C GLU I 56 -25.48 3.44 -0.42
N TYR I 57 -25.03 3.56 -1.68
CA TYR I 57 -25.05 2.40 -2.56
C TYR I 57 -24.18 1.28 -2.02
N LEU I 58 -22.94 1.61 -1.61
CA LEU I 58 -22.02 0.58 -1.14
C LEU I 58 -22.56 -0.11 0.12
N THR I 59 -23.08 0.67 1.06
CA THR I 59 -23.67 0.08 2.26
C THR I 59 -24.88 -0.77 1.90
N ALA I 60 -25.63 -0.37 0.87
CA ALA I 60 -26.79 -1.15 0.45
C ALA I 60 -26.36 -2.51 -0.09
N GLU I 61 -25.31 -2.53 -0.92
CA GLU I 61 -24.81 -3.78 -1.46
C GLU I 61 -24.30 -4.70 -0.35
N ILE I 62 -23.48 -4.14 0.54
CA ILE I 62 -22.90 -4.91 1.64
C ILE I 62 -24.01 -5.50 2.52
N LEU I 63 -24.96 -4.66 2.93
CA LEU I 63 -26.04 -5.13 3.79
C LEU I 63 -26.94 -6.13 3.06
N GLU I 64 -27.05 -6.03 1.73
CA GLU I 64 -27.82 -7.01 0.99
C GLU I 64 -27.15 -8.38 1.06
N LEU I 65 -25.90 -8.48 0.60
CA LEU I 65 -25.21 -9.76 0.66
C LEU I 65 -25.15 -10.31 2.07
N ALA I 66 -24.91 -9.43 3.05
CA ALA I 66 -24.82 -9.86 4.44
C ALA I 66 -26.16 -10.39 4.94
N GLY I 67 -27.26 -9.76 4.51
CA GLY I 67 -28.57 -10.27 4.85
C GLY I 67 -28.80 -11.66 4.31
N ASN I 68 -28.43 -11.88 3.03
CA ASN I 68 -28.49 -13.22 2.47
C ASN I 68 -27.72 -14.21 3.33
N ALA I 69 -26.48 -13.86 3.69
CA ALA I 69 -25.67 -14.76 4.51
C ALA I 69 -26.31 -15.01 5.88
N ALA I 70 -27.02 -14.03 6.42
CA ALA I 70 -27.71 -14.23 7.70
C ALA I 70 -28.86 -15.21 7.56
N ARG I 71 -29.66 -15.08 6.51
CA ARG I 71 -30.76 -16.03 6.32
C ARG I 71 -30.24 -17.43 6.02
N ASP I 72 -29.10 -17.55 5.35
CA ASP I 72 -28.58 -18.88 5.02
C ASP I 72 -28.25 -19.68 6.26
N ASN I 73 -27.72 -19.02 7.30
CA ASN I 73 -27.46 -19.67 8.58
C ASN I 73 -28.63 -19.55 9.54
N LYS I 74 -29.84 -19.32 9.03
CA LYS I 74 -31.07 -19.19 9.82
C LYS I 74 -30.88 -18.22 11.00
N LYS I 75 -30.64 -16.96 10.64
CA LYS I 75 -30.36 -15.92 11.63
C LYS I 75 -31.13 -14.66 11.28
N THR I 76 -31.67 -14.02 12.31
CA THR I 76 -32.48 -12.82 12.11
C THR I 76 -31.61 -11.58 11.93
N ARG I 77 -30.55 -11.43 12.73
CA ARG I 77 -29.75 -10.21 12.75
C ARG I 77 -28.34 -10.45 12.23
N ILE I 78 -27.81 -9.46 11.52
CA ILE I 78 -26.48 -9.56 10.92
C ILE I 78 -25.42 -9.40 11.99
N ILE I 79 -24.55 -10.39 12.12
CA ILE I 79 -23.40 -10.34 13.03
C ILE I 79 -22.16 -10.25 12.16
N PRO I 80 -20.97 -9.97 12.72
CA PRO I 80 -19.78 -9.74 11.88
C PRO I 80 -19.45 -10.87 10.90
N ARG I 81 -19.63 -12.13 11.30
CA ARG I 81 -19.33 -13.23 10.39
C ARG I 81 -20.12 -13.09 9.09
N HIS I 82 -21.38 -12.67 9.16
CA HIS I 82 -22.18 -12.51 7.96
C HIS I 82 -21.58 -11.45 7.04
N LEU I 83 -21.01 -10.40 7.62
CA LEU I 83 -20.33 -9.38 6.83
C LEU I 83 -19.06 -9.94 6.19
N GLN I 84 -18.32 -10.78 6.93
CA GLN I 84 -17.11 -11.36 6.38
C GLN I 84 -17.42 -12.32 5.22
N LEU I 85 -18.42 -13.18 5.40
CA LEU I 85 -18.85 -14.06 4.31
C LEU I 85 -19.30 -13.24 3.09
N ALA I 86 -20.08 -12.18 3.34
CA ALA I 86 -20.55 -11.35 2.24
C ALA I 86 -19.39 -10.74 1.46
N VAL I 87 -18.43 -10.15 2.16
CA VAL I 87 -17.30 -9.50 1.50
C VAL I 87 -16.42 -10.52 0.78
N ARG I 88 -16.05 -11.60 1.47
CA ARG I 88 -15.10 -12.55 0.91
C ARG I 88 -15.70 -13.41 -0.19
N ASN I 89 -17.03 -13.50 -0.28
CA ASN I 89 -17.64 -14.26 -1.35
C ASN I 89 -17.96 -13.44 -2.59
N ASP I 90 -17.99 -12.11 -2.47
CA ASP I 90 -18.15 -11.23 -3.61
C ASP I 90 -16.77 -10.78 -4.09
N GLU I 91 -16.40 -11.17 -5.31
CA GLU I 91 -15.11 -10.81 -5.87
C GLU I 91 -14.86 -9.31 -5.80
N GLU I 92 -15.88 -8.51 -6.11
CA GLU I 92 -15.72 -7.06 -6.17
C GLU I 92 -15.46 -6.47 -4.80
N LEU I 93 -16.31 -6.80 -3.82
CA LEU I 93 -16.14 -6.24 -2.49
C LEU I 93 -14.90 -6.80 -1.79
N ASN I 94 -14.59 -8.08 -2.02
CA ASN I 94 -13.33 -8.62 -1.52
C ASN I 94 -12.15 -7.84 -2.06
N LYS I 95 -12.18 -7.51 -3.36
CA LYS I 95 -11.15 -6.65 -3.93
C LYS I 95 -11.12 -5.28 -3.25
N LEU I 96 -12.30 -4.69 -3.04
CA LEU I 96 -12.35 -3.38 -2.40
C LEU I 96 -11.85 -3.44 -0.96
N LEU I 97 -12.12 -4.52 -0.25
CA LEU I 97 -11.68 -4.66 1.15
C LEU I 97 -10.51 -5.63 1.27
N GLY I 98 -9.65 -5.71 0.26
CA GLY I 98 -8.60 -6.72 0.23
C GLY I 98 -7.55 -6.54 1.31
N ARG I 99 -7.45 -5.35 1.89
CA ARG I 99 -6.47 -5.04 2.92
C ARG I 99 -7.16 -4.57 4.19
N VAL I 100 -8.34 -5.13 4.44
CA VAL I 100 -9.18 -4.79 5.58
C VAL I 100 -9.50 -6.06 6.34
N THR I 101 -9.47 -5.97 7.67
CA THR I 101 -9.77 -7.09 8.56
C THR I 101 -11.05 -6.79 9.32
N ILE I 102 -12.06 -7.64 9.12
CA ILE I 102 -13.29 -7.54 9.89
C ILE I 102 -13.12 -8.30 11.20
N ALA I 103 -13.35 -7.62 12.32
CA ALA I 103 -13.20 -8.25 13.61
C ALA I 103 -14.29 -9.29 13.83
N GLN I 104 -13.91 -10.41 14.44
CA GLN I 104 -14.84 -11.52 14.71
C GLN I 104 -15.54 -11.97 13.43
N GLY I 105 -14.79 -12.03 12.34
CA GLY I 105 -15.34 -12.40 11.05
C GLY I 105 -14.92 -13.79 10.58
N GLY I 106 -13.78 -14.28 11.09
CA GLY I 106 -13.32 -15.58 10.68
C GLY I 106 -12.84 -15.59 9.23
N VAL I 107 -12.76 -16.81 8.69
CA VAL I 107 -12.28 -17.05 7.33
C VAL I 107 -13.33 -17.89 6.59
N LEU I 108 -13.21 -17.90 5.27
CA LEU I 108 -14.07 -18.76 4.46
C LEU I 108 -13.69 -20.22 4.68
N PRO I 109 -14.66 -21.12 4.83
CA PRO I 109 -14.37 -22.55 4.87
C PRO I 109 -13.72 -22.99 3.57
N ASN I 110 -12.46 -23.40 3.65
CA ASN I 110 -11.70 -23.74 2.45
C ASN I 110 -10.53 -24.63 2.85
N ILE I 111 -10.65 -25.92 2.54
CA ILE I 111 -9.55 -26.87 2.68
C ILE I 111 -8.90 -27.04 1.33
N GLN I 112 -7.58 -26.90 1.29
CA GLN I 112 -6.86 -27.11 0.03
C GLN I 112 -7.07 -28.53 -0.45
N SER I 113 -7.38 -28.67 -1.74
CA SER I 113 -7.66 -29.98 -2.32
C SER I 113 -6.37 -30.76 -2.55
N VAL I 114 -5.58 -30.94 -1.48
CA VAL I 114 -4.28 -31.60 -1.54
C VAL I 114 -4.20 -32.60 -0.39
N LEU I 115 -4.71 -32.22 0.78
CA LEU I 115 -4.70 -33.07 1.96
C LEU I 115 -6.12 -33.50 2.33
N LEU I 116 -6.89 -33.90 1.33
CA LEU I 116 -8.29 -34.33 1.48
C LEU I 116 -8.35 -35.84 1.69
N PRO I 117 -9.55 -36.43 1.81
CA PRO I 117 -9.62 -37.90 1.97
C PRO I 117 -9.11 -38.63 0.74
N LYS I 118 -8.23 -39.62 0.98
CA LYS I 118 -7.72 -40.50 -0.06
C LYS I 118 -6.98 -39.74 -1.16
N ARG J 30 -20.13 14.87 22.09
CA ARG J 30 -20.99 13.91 21.40
C ARG J 30 -20.22 13.22 20.29
N LYS J 31 -20.64 12.00 19.96
CA LYS J 31 -19.98 11.19 18.94
C LYS J 31 -20.95 10.96 17.79
N GLU J 32 -20.51 11.33 16.59
CA GLU J 32 -21.32 11.15 15.39
C GLU J 32 -21.08 9.77 14.78
N SER J 33 -22.14 9.19 14.24
CA SER J 33 -22.07 7.88 13.59
C SER J 33 -22.96 7.90 12.36
N TYR J 34 -22.72 6.94 11.48
CA TYR J 34 -23.60 6.66 10.35
C TYR J 34 -24.64 5.60 10.67
N ALA J 35 -24.81 5.27 11.96
CA ALA J 35 -25.58 4.09 12.33
C ALA J 35 -27.03 4.16 11.86
N ILE J 36 -27.70 5.29 12.11
CA ILE J 36 -29.13 5.35 11.84
C ILE J 36 -29.42 5.24 10.35
N TYR J 37 -28.50 5.75 9.51
CA TYR J 37 -28.67 5.64 8.07
C TYR J 37 -28.37 4.25 7.56
N VAL J 38 -27.34 3.60 8.12
CA VAL J 38 -27.09 2.20 7.83
C VAL J 38 -28.34 1.37 8.15
N TYR J 39 -29.02 1.71 9.25
CA TYR J 39 -30.22 0.98 9.62
C TYR J 39 -31.38 1.30 8.68
N LYS J 40 -31.49 2.57 8.26
CA LYS J 40 -32.52 2.93 7.29
C LYS J 40 -32.35 2.15 5.99
N VAL J 41 -31.12 2.06 5.48
CA VAL J 41 -30.86 1.29 4.28
C VAL J 41 -31.09 -0.20 4.52
N LEU J 42 -30.77 -0.68 5.74
CA LEU J 42 -30.96 -2.09 6.04
C LEU J 42 -32.44 -2.47 5.98
N LYS J 43 -33.28 -1.72 6.69
CA LYS J 43 -34.72 -1.93 6.59
C LYS J 43 -35.22 -1.72 5.16
N GLN J 44 -34.57 -0.83 4.42
CA GLN J 44 -34.96 -0.61 3.04
C GLN J 44 -34.67 -1.82 2.17
N VAL J 45 -33.67 -2.62 2.53
CA VAL J 45 -33.21 -3.72 1.68
C VAL J 45 -33.49 -5.09 2.30
N HIS J 46 -33.53 -5.21 3.62
CA HIS J 46 -33.91 -6.46 4.29
C HIS J 46 -34.80 -6.10 5.45
N PRO J 47 -36.11 -6.01 5.22
CA PRO J 47 -36.99 -5.39 6.23
C PRO J 47 -37.10 -6.15 7.54
N ASP J 48 -36.93 -7.47 7.52
CA ASP J 48 -37.07 -8.27 8.73
C ASP J 48 -35.74 -8.62 9.37
N THR J 49 -34.64 -8.02 8.90
CA THR J 49 -33.30 -8.35 9.34
C THR J 49 -32.78 -7.28 10.29
N GLY J 50 -32.34 -7.70 11.48
CA GLY J 50 -31.65 -6.82 12.38
C GLY J 50 -30.17 -6.80 12.11
N ILE J 51 -29.44 -6.09 12.96
CA ILE J 51 -27.99 -6.03 12.84
C ILE J 51 -27.40 -5.84 14.24
N SER J 52 -26.43 -6.69 14.58
CA SER J 52 -25.79 -6.61 15.88
C SER J 52 -24.92 -5.35 15.97
N SER J 53 -24.62 -4.96 17.21
CA SER J 53 -23.93 -3.69 17.46
C SER J 53 -22.54 -3.69 16.87
N LYS J 54 -21.80 -4.79 17.01
CA LYS J 54 -20.44 -4.86 16.48
C LYS J 54 -20.46 -4.81 14.95
N ALA J 55 -21.43 -5.48 14.34
CA ALA J 55 -21.57 -5.40 12.90
C ALA J 55 -21.87 -3.98 12.45
N MET J 56 -22.69 -3.27 13.21
CA MET J 56 -22.96 -1.87 12.92
C MET J 56 -21.69 -1.03 13.03
N SER J 57 -20.86 -1.32 14.02
CA SER J 57 -19.60 -0.59 14.17
C SER J 57 -18.67 -0.86 12.99
N ILE J 58 -18.63 -2.11 12.52
CA ILE J 58 -17.88 -2.43 11.32
C ILE J 58 -18.44 -1.67 10.12
N MET J 59 -19.77 -1.53 10.05
CA MET J 59 -20.37 -0.80 8.94
C MET J 59 -19.97 0.68 8.98
N ASN J 60 -20.00 1.28 10.17
CA ASN J 60 -19.60 2.67 10.31
C ASN J 60 -18.13 2.87 9.95
N SER J 61 -17.27 1.93 10.38
CA SER J 61 -15.87 1.99 9.98
C SER J 61 -15.72 1.87 8.47
N PHE J 62 -16.54 1.03 7.84
CA PHE J 62 -16.48 0.87 6.39
C PHE J 62 -16.86 2.16 5.68
N VAL J 63 -17.93 2.82 6.15
CA VAL J 63 -18.38 4.06 5.52
C VAL J 63 -17.31 5.14 5.69
N ASN J 64 -16.77 5.29 6.91
CA ASN J 64 -15.72 6.28 7.14
C ASN J 64 -14.50 6.00 6.27
N ASP J 65 -14.14 4.72 6.14
CA ASP J 65 -13.00 4.33 5.32
C ASP J 65 -13.20 4.75 3.87
N VAL J 66 -14.26 4.24 3.22
CA VAL J 66 -14.50 4.56 1.82
C VAL J 66 -14.63 6.06 1.63
N PHE J 67 -15.26 6.75 2.59
CA PHE J 67 -15.33 8.21 2.55
C PHE J 67 -13.94 8.81 2.45
N GLU J 68 -13.02 8.41 3.34
CA GLU J 68 -11.69 8.99 3.33
C GLU J 68 -10.93 8.66 2.05
N ARG J 69 -11.12 7.45 1.54
CA ARG J 69 -10.45 7.06 0.30
C ARG J 69 -10.92 7.89 -0.88
N ILE J 70 -12.24 7.97 -1.08
CA ILE J 70 -12.78 8.76 -2.19
C ILE J 70 -12.40 10.23 -2.03
N ALA J 71 -12.59 10.79 -0.83
CA ALA J 71 -12.28 12.20 -0.60
C ALA J 71 -10.80 12.50 -0.83
N GLY J 72 -9.92 11.59 -0.41
CA GLY J 72 -8.50 11.82 -0.62
C GLY J 72 -8.10 11.73 -2.07
N GLU J 73 -8.65 10.72 -2.77
CA GLU J 73 -8.42 10.59 -4.21
C GLU J 73 -8.89 11.82 -4.96
N ALA J 74 -10.06 12.36 -4.57
CA ALA J 74 -10.56 13.57 -5.22
C ALA J 74 -9.69 14.77 -4.90
N SER J 75 -9.22 14.86 -3.65
CA SER J 75 -8.32 15.96 -3.27
C SER J 75 -7.08 15.96 -4.15
N ARG J 76 -6.42 14.80 -4.26
CA ARG J 76 -5.28 14.70 -5.14
C ARG J 76 -5.64 15.05 -6.58
N LEU J 77 -6.81 14.60 -7.04
CA LEU J 77 -7.24 14.91 -8.40
C LEU J 77 -7.31 16.42 -8.63
N ALA J 78 -7.91 17.14 -7.68
CA ALA J 78 -7.99 18.59 -7.80
C ALA J 78 -6.60 19.23 -7.77
N HIS J 79 -5.71 18.70 -6.94
CA HIS J 79 -4.36 19.25 -6.85
C HIS J 79 -3.60 19.08 -8.17
N TYR J 80 -3.68 17.90 -8.78
CA TYR J 80 -2.91 17.61 -9.99
C TYR J 80 -3.29 18.55 -11.12
N ASN J 81 -4.52 19.04 -11.14
CA ASN J 81 -5.00 19.90 -12.20
C ASN J 81 -5.07 21.37 -11.78
N LYS J 82 -4.38 21.72 -10.69
CA LYS J 82 -4.30 23.10 -10.22
C LYS J 82 -5.69 23.71 -10.02
N ARG J 83 -6.58 22.94 -9.42
CA ARG J 83 -7.94 23.39 -9.16
C ARG J 83 -8.19 23.47 -7.65
N SER J 84 -9.05 24.41 -7.26
CA SER J 84 -9.30 24.68 -5.85
C SER J 84 -10.58 24.07 -5.34
N THR J 85 -11.45 23.56 -6.21
CA THR J 85 -12.75 23.07 -5.81
C THR J 85 -12.87 21.57 -6.10
N ILE J 86 -13.56 20.86 -5.22
CA ILE J 86 -13.90 19.45 -5.43
C ILE J 86 -15.34 19.43 -5.92
N THR J 87 -15.52 19.21 -7.22
CA THR J 87 -16.85 19.06 -7.79
C THR J 87 -17.33 17.62 -7.64
N SER J 88 -18.58 17.38 -8.02
CA SER J 88 -19.06 16.01 -8.14
C SER J 88 -18.27 15.26 -9.21
N ARG J 89 -17.67 15.99 -10.14
CA ARG J 89 -16.85 15.37 -11.18
C ARG J 89 -15.62 14.70 -10.59
N GLU J 90 -14.89 15.41 -9.71
CA GLU J 90 -13.74 14.81 -9.06
C GLU J 90 -14.14 13.58 -8.25
N ILE J 91 -15.28 13.65 -7.55
CA ILE J 91 -15.79 12.49 -6.84
C ILE J 91 -16.02 11.33 -7.81
N GLN J 92 -16.55 11.63 -9.00
CA GLN J 92 -16.83 10.56 -9.97
C GLN J 92 -15.54 9.90 -10.44
N THR J 93 -14.57 10.71 -10.91
CA THR J 93 -13.30 10.14 -11.34
C THR J 93 -12.63 9.36 -10.22
N ALA J 94 -12.73 9.86 -8.99
CA ALA J 94 -12.17 9.16 -7.84
C ALA J 94 -12.82 7.80 -7.66
N VAL J 95 -14.15 7.75 -7.80
CA VAL J 95 -14.88 6.49 -7.69
C VAL J 95 -14.42 5.52 -8.78
N ARG J 96 -14.25 6.03 -10.01
CA ARG J 96 -13.76 5.16 -11.08
C ARG J 96 -12.34 4.65 -10.77
N LEU J 97 -11.54 5.45 -10.07
CA LEU J 97 -10.20 5.00 -9.71
C LEU J 97 -10.22 3.93 -8.62
N LEU J 98 -11.14 4.07 -7.65
CA LEU J 98 -11.10 3.24 -6.46
C LEU J 98 -11.92 1.96 -6.60
N LEU J 99 -13.16 2.06 -7.07
CA LEU J 99 -14.02 0.89 -7.06
C LEU J 99 -13.70 -0.03 -8.23
N PRO J 100 -13.76 -1.35 -8.00
CA PRO J 100 -13.54 -2.34 -9.07
C PRO J 100 -14.78 -2.55 -9.92
N GLY J 101 -14.72 -2.11 -11.17
CA GLY J 101 -15.61 -2.64 -12.19
C GLY J 101 -17.08 -2.37 -11.96
N GLU J 102 -17.84 -3.46 -11.75
CA GLU J 102 -19.30 -3.34 -11.64
C GLU J 102 -19.68 -2.37 -10.52
N LEU J 103 -18.98 -2.44 -9.39
CA LEU J 103 -19.20 -1.47 -8.33
C LEU J 103 -18.98 -0.05 -8.82
N ALA J 104 -17.95 0.15 -9.65
CA ALA J 104 -17.63 1.49 -10.13
C ALA J 104 -18.76 2.04 -11.00
N LYS J 105 -19.26 1.23 -11.93
CA LYS J 105 -20.30 1.75 -12.82
C LYS J 105 -21.63 1.91 -12.11
N HIS J 106 -21.99 0.95 -11.25
CA HIS J 106 -23.24 1.08 -10.50
C HIS J 106 -23.19 2.30 -9.58
N ALA J 107 -22.04 2.54 -8.95
CA ALA J 107 -21.92 3.67 -8.02
C ALA J 107 -21.88 5.00 -8.75
N VAL J 108 -21.15 5.06 -9.87
CA VAL J 108 -21.22 6.23 -10.74
C VAL J 108 -22.67 6.50 -11.14
N SER J 109 -23.41 5.44 -11.50
CA SER J 109 -24.80 5.60 -11.89
C SER J 109 -25.63 6.23 -10.78
N GLU J 110 -25.60 5.61 -9.59
CA GLU J 110 -26.33 6.15 -8.45
C GLU J 110 -25.95 7.60 -8.16
N GLY J 111 -24.66 7.92 -8.23
CA GLY J 111 -24.21 9.27 -7.92
C GLY J 111 -24.72 10.31 -8.90
N THR J 112 -24.52 10.09 -10.20
CA THR J 112 -24.97 11.07 -11.18
C THR J 112 -26.50 11.18 -11.19
N LYS J 113 -27.18 10.06 -10.97
CA LYS J 113 -28.63 10.11 -10.77
C LYS J 113 -28.98 11.04 -9.63
N ALA J 114 -28.28 10.90 -8.50
CA ALA J 114 -28.57 11.73 -7.33
C ALA J 114 -28.32 13.20 -7.62
N VAL J 115 -27.24 13.53 -8.32
CA VAL J 115 -26.94 14.95 -8.54
C VAL J 115 -27.94 15.57 -9.51
N THR J 116 -28.36 14.81 -10.54
CA THR J 116 -29.33 15.37 -11.48
C THR J 116 -30.69 15.55 -10.82
N LYS J 117 -31.14 14.54 -10.07
CA LYS J 117 -32.39 14.68 -9.32
C LYS J 117 -32.30 15.77 -8.27
N TYR J 118 -31.10 16.07 -7.80
CA TYR J 118 -30.94 17.12 -6.80
C TYR J 118 -31.00 18.50 -7.42
N THR J 119 -30.41 18.70 -8.60
CA THR J 119 -30.42 20.01 -9.21
C THR J 119 -31.72 20.32 -9.93
N SER J 120 -32.55 19.31 -10.19
CA SER J 120 -33.85 19.57 -10.81
C SER J 120 -34.86 20.16 -9.82
N ALA J 121 -34.49 20.27 -8.54
CA ALA J 121 -35.37 20.83 -7.53
C ALA J 121 -34.69 22.00 -6.81
MN MN K . -17.80 -47.28 6.56
MN MN L . 37.01 15.92 -27.77
MN MN M . -35.11 12.98 16.04
MN MN N . -26.74 -24.03 19.32
MN MN O . -10.70 29.83 21.64
MN MN P . -5.23 23.72 -33.16
MN MN Q . -27.36 -36.81 23.63
MN MN R . 6.29 -39.29 0.19
MN MN S . 18.87 -39.42 -23.05
MN MN T . 41.12 -25.12 -15.23
MN MN U . -36.92 -16.36 28.85
MN MN V . 19.89 34.00 -8.25
MN MN W . -6.43 12.66 39.78
MN MN X . 17.61 -33.98 -9.79
MN MN Y . 34.20 1.60 -21.60
MN MN Z . -10.10 34.74 -11.41
MN MN AA . 9.14 -47.19 11.75
MN MN BA . 33.74 7.62 -17.45
CL CL CA . 12.62 -25.46 7.71
CL CL DA . 5.40 25.23 15.19
MN MN EA . 21.71 31.31 21.37
MN MN FA . -7.84 -3.07 -30.30
CL CL GA . 3.90 -25.13 -13.92
CL CL HA . -20.11 20.36 -7.59
#